data_9D6N
#
_entry.id   9D6N
#
_cell.length_a   171.119
_cell.length_b   171.119
_cell.length_c   118.026
_cell.angle_alpha   90.000
_cell.angle_beta   90.000
_cell.angle_gamma   120.000
#
_symmetry.space_group_name_H-M   'P 32 2 1'
#
loop_
_entity.id
_entity.type
_entity.pdbx_description
1 polymer 'DNA polymerase theta'
2 polymer 'DNA Template'
3 polymer 'DNA Primer'
4 non-polymer 'MAGNESIUM ION'
5 non-polymer "2'-3'-DIDEOXYGUANOSINE-5'-TRIPHOSPHATE"
6 non-polymer '2-{3-[(2R)-3-(dimethylamino)-2-hydroxypropyl]-2-oxoimidazolidin-1-yl}-4,6-bis(trifluoromethyl)phenyl (4-fluorophenyl)(methyl)carbamate'
7 water water
#
loop_
_entity_poly.entity_id
_entity_poly.type
_entity_poly.pdbx_seq_one_letter_code
_entity_poly.pdbx_strand_id
1 'polypeptide(L)'
;SSSSESLSIIDVASDQNLFQTFIKEWRCKKRFSISLACEKIRGSGDDTLVVGLAVCWGGRDAYYFSLGGSGGLDPSLTLK
DRMWYLQSCLRKESDKECSVVIYDFIQSYKILLLSCGISLEQSYEDPKVACWLLDPDSQEPTLHSIVTSFLPHELPLLEG
METSQGIQSLGLNAGSEHSGRYRASVESILIFNSMNQLNSLLQKENLQDVFRKVEMPSQYCLALLELNGIGFSTAECESQ
KHIMQAKLDAIETQAYQLAGHSFSFTSSDDIAEVLFLELKLPPGGSGGQFSTSKDVLNKLKALHPLPGLILEWRRITNAI
TKVVFPLQREKCLNPFLGMERIYPVSQSHTATGRITFTEPNIQNVPRDFEIKMGGSGGMPFSISMRHAFVPFPGGSILAA
DYSQLELRILAHLSHDRRLIQVLNTGADVFRSIAAEWKMIEPESVGDDLRQQAKQICYGIIYGMGAKSLGEQMGIKENDA
ACYIDSFKSRYTGINQFMTETVKNCKRDGFVQTILGRRRYLPGIKDNNPYRKAHAERQAINTIVQGSAADIVKIATVNIQ
KQLETFHSTFKSHGHREGMLQSDGGSGGCPIRGGFFILQLHDELLYEVAEEDVVQVAQIVKNEMESAVKLSVKLKVKVKI
GASWGELKDFDV
;
A,B
2 'polydeoxyribonucleotide'
;(DG)(DC)(DG)(DA)(DG)(DA)(DC)(DT)(DC)(DC)(DG)(DC)(DG)(DC)(DT)(DG)(DC)(DG)(DA)(DC)
(DG)(DT)(DC)(DG)
;
E,C
3 'polydeoxyribonucleotide' (DC)(DG)(DA)(DC)(DG)(DT)(DC)(DG)(DC)(DA)(DG)(DC)(DG)(DC) F,D
#
# COMPACT_ATOMS: atom_id res chain seq x y z
N GLU A 5 -14.69 19.75 -40.86
CA GLU A 5 -13.70 18.69 -40.94
C GLU A 5 -12.59 18.91 -39.92
N SER A 6 -12.98 19.15 -38.67
CA SER A 6 -12.09 19.13 -37.53
C SER A 6 -12.51 17.96 -36.64
N LEU A 7 -11.98 17.91 -35.42
CA LEU A 7 -12.33 16.84 -34.51
C LEU A 7 -13.82 16.80 -34.26
N SER A 8 -14.49 15.78 -34.83
CA SER A 8 -15.90 15.51 -34.59
C SER A 8 -15.99 14.29 -33.69
N ILE A 9 -16.40 14.50 -32.44
CA ILE A 9 -16.59 13.42 -31.48
C ILE A 9 -18.07 13.07 -31.48
N ILE A 10 -18.38 11.81 -31.80
CA ILE A 10 -19.74 11.31 -31.84
C ILE A 10 -19.94 10.44 -30.60
N ASP A 11 -20.77 10.92 -29.67
CA ASP A 11 -21.07 10.19 -28.45
C ASP A 11 -22.12 9.13 -28.78
N VAL A 12 -21.65 7.95 -29.17
CA VAL A 12 -22.52 6.95 -29.76
C VAL A 12 -23.52 6.40 -28.74
N ALA A 13 -23.17 6.43 -27.46
CA ALA A 13 -24.04 5.88 -26.42
C ALA A 13 -24.99 6.91 -25.82
N SER A 14 -25.12 8.08 -26.44
CA SER A 14 -26.05 9.09 -25.94
C SER A 14 -27.48 8.82 -26.37
N ASP A 15 -27.66 8.20 -27.54
CA ASP A 15 -28.97 7.87 -28.08
C ASP A 15 -28.94 6.44 -28.59
N GLN A 16 -29.92 5.64 -28.17
CA GLN A 16 -29.94 4.22 -28.52
C GLN A 16 -29.96 4.00 -30.03
N ASN A 17 -30.65 4.87 -30.77
CA ASN A 17 -30.66 4.73 -32.22
C ASN A 17 -29.30 5.02 -32.82
N LEU A 18 -28.62 6.08 -32.33
CA LEU A 18 -27.28 6.38 -32.81
C LEU A 18 -26.30 5.25 -32.49
N PHE A 19 -26.50 4.59 -31.35
CA PHE A 19 -25.60 3.51 -30.96
C PHE A 19 -25.72 2.30 -31.87
N GLN A 20 -26.95 1.93 -32.23
CA GLN A 20 -27.14 0.79 -33.12
C GLN A 20 -26.69 1.09 -34.54
N THR A 21 -26.75 2.36 -34.94
CA THR A 21 -26.13 2.77 -36.20
C THR A 21 -24.62 2.64 -36.11
N PHE A 22 -24.04 3.00 -34.97
CA PHE A 22 -22.60 2.88 -34.76
C PHE A 22 -22.16 1.43 -34.74
N ILE A 23 -22.85 0.58 -33.96
CA ILE A 23 -22.52 -0.83 -33.91
C ILE A 23 -22.63 -1.46 -35.29
N LYS A 24 -23.64 -1.05 -36.06
CA LYS A 24 -23.82 -1.57 -37.41
C LYS A 24 -22.61 -1.23 -38.28
N GLU A 25 -22.18 0.04 -38.28
CA GLU A 25 -21.06 0.46 -39.10
C GLU A 25 -19.76 -0.13 -38.59
N TRP A 26 -19.60 -0.27 -37.27
CA TRP A 26 -18.38 -0.81 -36.71
C TRP A 26 -18.18 -2.26 -37.15
N ARG A 27 -19.27 -3.04 -37.21
CA ARG A 27 -19.17 -4.45 -37.56
C ARG A 27 -18.84 -4.68 -39.03
N CYS A 28 -18.90 -3.64 -39.87
CA CYS A 28 -18.50 -3.74 -41.26
C CYS A 28 -17.02 -3.46 -41.49
N LYS A 29 -16.36 -2.80 -40.54
CA LYS A 29 -15.01 -2.30 -40.75
C LYS A 29 -13.98 -3.41 -40.63
N LYS A 30 -13.10 -3.51 -41.63
CA LYS A 30 -11.98 -4.43 -41.56
C LYS A 30 -10.81 -3.85 -40.77
N ARG A 31 -10.69 -2.52 -40.76
CA ARG A 31 -9.62 -1.83 -40.06
C ARG A 31 -10.20 -0.68 -39.24
N PHE A 32 -9.71 -0.55 -38.00
CA PHE A 32 -10.09 0.59 -37.18
C PHE A 32 -9.05 0.75 -36.08
N SER A 33 -9.03 1.93 -35.48
CA SER A 33 -8.19 2.22 -34.33
C SER A 33 -9.08 2.37 -33.09
N ILE A 34 -8.52 2.05 -31.93
CA ILE A 34 -9.18 2.31 -30.66
C ILE A 34 -8.17 2.95 -29.73
N SER A 35 -8.69 3.76 -28.79
CA SER A 35 -7.87 4.42 -27.78
C SER A 35 -8.66 4.42 -26.49
N LEU A 36 -8.17 3.68 -25.48
CA LEU A 36 -8.86 3.59 -24.20
C LEU A 36 -8.77 4.92 -23.47
N ALA A 37 -9.90 5.41 -22.98
CA ALA A 37 -9.95 6.61 -22.15
C ALA A 37 -9.92 6.20 -20.69
N CYS A 38 -8.84 6.55 -19.99
CA CYS A 38 -8.62 6.13 -18.61
C CYS A 38 -8.43 7.37 -17.74
N GLU A 39 -9.13 7.40 -16.60
CA GLU A 39 -9.10 8.52 -15.69
C GLU A 39 -8.77 8.05 -14.28
N LYS A 40 -8.46 9.01 -13.42
CA LYS A 40 -8.22 8.76 -12.00
C LYS A 40 -9.53 8.89 -11.22
N ILE A 41 -9.58 8.22 -10.07
CA ILE A 41 -10.71 8.27 -9.15
C ILE A 41 -10.25 7.91 -7.73
N ASP A 47 -6.12 5.99 -10.88
CA ASP A 47 -7.03 4.85 -10.95
C ASP A 47 -7.02 4.24 -12.34
N THR A 48 -7.16 2.92 -12.42
CA THR A 48 -7.26 2.22 -13.70
C THR A 48 -8.71 2.16 -14.17
N LEU A 49 -9.38 3.30 -14.12
CA LEU A 49 -10.79 3.42 -14.49
C LEU A 49 -10.89 3.70 -15.98
N VAL A 50 -11.37 2.72 -16.74
CA VAL A 50 -11.67 2.93 -18.15
C VAL A 50 -13.02 3.61 -18.24
N VAL A 51 -13.04 4.91 -18.54
CA VAL A 51 -14.30 5.64 -18.69
C VAL A 51 -14.88 5.46 -20.08
N GLY A 52 -14.16 4.84 -20.99
CA GLY A 52 -14.67 4.62 -22.33
C GLY A 52 -13.53 4.38 -23.31
N LEU A 53 -13.89 4.41 -24.59
CA LEU A 53 -12.91 4.25 -25.66
C LEU A 53 -13.39 5.01 -26.88
N ALA A 54 -12.45 5.40 -27.73
CA ALA A 54 -12.75 6.05 -28.99
C ALA A 54 -12.38 5.12 -30.13
N VAL A 55 -13.26 5.04 -31.12
CA VAL A 55 -13.05 4.23 -32.32
C VAL A 55 -13.00 5.18 -33.52
N CYS A 56 -12.13 4.87 -34.47
CA CYS A 56 -11.96 5.67 -35.67
C CYS A 56 -11.63 4.73 -36.83
N TRP A 57 -12.39 4.85 -37.92
CA TRP A 57 -12.15 4.06 -39.12
C TRP A 57 -11.95 4.93 -40.35
N GLY A 58 -11.50 6.16 -40.15
CA GLY A 58 -11.16 7.03 -41.26
C GLY A 58 -11.47 8.47 -40.96
N GLY A 59 -10.77 9.37 -41.66
CA GLY A 59 -10.99 10.79 -41.55
C GLY A 59 -10.69 11.32 -40.17
N ARG A 60 -11.42 12.34 -39.78
CA ARG A 60 -11.26 13.01 -38.49
C ARG A 60 -12.46 12.78 -37.57
N ASP A 61 -13.16 11.67 -37.75
CA ASP A 61 -14.31 11.31 -36.94
C ASP A 61 -13.88 10.34 -35.84
N ALA A 62 -14.19 10.68 -34.60
CA ALA A 62 -13.88 9.83 -33.45
C ALA A 62 -15.19 9.46 -32.75
N TYR A 63 -15.59 8.21 -32.86
CA TYR A 63 -16.80 7.73 -32.19
C TYR A 63 -16.46 7.36 -30.76
N TYR A 64 -16.90 8.18 -29.81
CA TYR A 64 -16.59 7.95 -28.41
C TYR A 64 -17.66 7.05 -27.79
N PHE A 65 -17.23 5.89 -27.30
CA PHE A 65 -18.10 4.89 -26.69
C PHE A 65 -17.91 5.03 -25.18
N SER A 66 -18.85 5.72 -24.53
CA SER A 66 -18.76 5.93 -23.09
C SER A 66 -19.08 4.64 -22.35
N LEU A 67 -18.28 4.33 -21.33
CA LEU A 67 -18.47 3.14 -20.50
C LEU A 67 -18.76 3.53 -19.06
N GLY A 68 -19.39 4.67 -18.85
CA GLY A 68 -19.70 5.14 -17.51
C GLY A 68 -21.18 5.29 -17.26
N SER A 70 -20.93 10.73 -18.92
CA SER A 70 -22.14 9.95 -18.63
C SER A 70 -23.29 10.86 -18.19
N GLY A 71 -24.42 10.26 -17.87
CA GLY A 71 -25.64 11.02 -17.57
C GLY A 71 -26.42 11.43 -18.80
N GLY A 72 -25.73 11.95 -19.82
CA GLY A 72 -26.31 12.19 -21.11
C GLY A 72 -26.47 10.97 -21.97
N LEU A 73 -26.19 9.79 -21.41
CA LEU A 73 -26.33 8.53 -22.11
C LEU A 73 -27.77 8.03 -21.99
N ASP A 74 -28.22 7.32 -23.01
CA ASP A 74 -29.54 6.71 -22.99
C ASP A 74 -29.57 5.60 -21.94
N PRO A 75 -30.46 5.67 -20.95
CA PRO A 75 -30.49 4.61 -19.92
C PRO A 75 -30.85 3.24 -20.46
N SER A 76 -31.44 3.15 -21.66
CA SER A 76 -31.72 1.84 -22.26
C SER A 76 -30.43 1.09 -22.57
N LEU A 77 -29.29 1.78 -22.63
CA LEU A 77 -27.99 1.15 -22.82
C LEU A 77 -27.35 0.96 -21.45
N THR A 78 -27.70 -0.13 -20.79
CA THR A 78 -27.06 -0.46 -19.52
C THR A 78 -25.57 -0.74 -19.76
N LEU A 79 -24.79 -0.60 -18.68
CA LEU A 79 -23.35 -0.87 -18.79
C LEU A 79 -23.09 -2.29 -19.29
N LYS A 80 -23.88 -3.26 -18.82
CA LYS A 80 -23.71 -4.63 -19.27
C LYS A 80 -24.07 -4.80 -20.74
N ASP A 81 -25.09 -4.06 -21.20
CA ASP A 81 -25.39 -4.05 -22.63
C ASP A 81 -24.22 -3.50 -23.43
N ARG A 82 -23.67 -2.36 -23.00
CA ARG A 82 -22.54 -1.76 -23.69
C ARG A 82 -21.31 -2.66 -23.63
N MET A 83 -21.13 -3.39 -22.52
CA MET A 83 -20.02 -4.33 -22.43
C MET A 83 -20.21 -5.53 -23.34
N TRP A 84 -21.46 -5.91 -23.61
CA TRP A 84 -21.69 -7.00 -24.56
C TRP A 84 -21.30 -6.59 -25.98
N TYR A 85 -21.72 -5.39 -26.40
CA TYR A 85 -21.39 -4.93 -27.74
C TYR A 85 -19.90 -4.63 -27.88
N LEU A 86 -19.27 -4.18 -26.80
CA LEU A 86 -17.83 -3.88 -26.87
C LEU A 86 -17.02 -5.15 -27.12
N GLN A 87 -17.33 -6.22 -26.38
CA GLN A 87 -16.61 -7.47 -26.62
C GLN A 87 -16.99 -8.08 -27.97
N SER A 88 -18.21 -7.85 -28.44
CA SER A 88 -18.64 -8.42 -29.70
C SER A 88 -17.88 -7.80 -30.87
N CYS A 89 -17.58 -6.50 -30.79
CA CYS A 89 -16.88 -5.82 -31.87
C CYS A 89 -15.37 -5.99 -31.78
N LEU A 90 -14.84 -6.31 -30.61
CA LEU A 90 -13.39 -6.46 -30.43
C LEU A 90 -12.93 -7.90 -30.46
N ARG A 91 -13.78 -8.83 -30.89
CA ARG A 91 -13.43 -10.24 -30.97
C ARG A 91 -13.85 -10.81 -32.31
N LYS A 92 -13.07 -11.76 -32.80
CA LYS A 92 -13.18 -12.24 -34.18
C LYS A 92 -14.01 -13.51 -34.25
N GLU A 93 -14.39 -13.87 -35.49
CA GLU A 93 -15.08 -15.11 -35.77
C GLU A 93 -14.16 -16.17 -36.35
N SER A 94 -12.87 -15.85 -36.49
CA SER A 94 -11.75 -16.71 -36.89
C SER A 94 -11.71 -16.97 -38.39
N ASP A 95 -12.72 -16.57 -39.17
CA ASP A 95 -12.62 -16.56 -40.61
C ASP A 95 -12.52 -15.16 -41.20
N LYS A 96 -12.89 -14.13 -40.43
CA LYS A 96 -12.88 -12.76 -40.90
C LYS A 96 -11.62 -12.09 -40.37
N GLU A 97 -10.80 -11.56 -41.29
CA GLU A 97 -9.59 -10.84 -40.91
C GLU A 97 -9.96 -9.40 -40.56
N CYS A 98 -9.54 -8.96 -39.37
CA CYS A 98 -9.82 -7.61 -38.90
C CYS A 98 -8.63 -7.10 -38.10
N SER A 99 -8.15 -5.90 -38.42
CA SER A 99 -6.95 -5.34 -37.81
C SER A 99 -7.30 -4.12 -36.98
N VAL A 100 -6.81 -4.10 -35.75
CA VAL A 100 -7.03 -3.00 -34.81
C VAL A 100 -5.73 -2.23 -34.65
N VAL A 101 -5.79 -0.91 -34.81
CA VAL A 101 -4.66 -0.04 -34.58
C VAL A 101 -4.74 0.47 -33.15
N ILE A 102 -3.72 0.17 -32.35
CA ILE A 102 -3.71 0.53 -30.92
C ILE A 102 -2.34 1.08 -30.57
N TYR A 103 -2.29 2.32 -30.09
CA TYR A 103 -1.04 2.87 -29.57
C TYR A 103 -0.77 2.28 -28.20
N ASP A 104 0.46 1.79 -28.00
CA ASP A 104 0.85 1.07 -26.79
C ASP A 104 -0.08 -0.13 -26.56
N PHE A 105 0.03 -1.09 -27.49
CA PHE A 105 -0.91 -2.19 -27.53
C PHE A 105 -0.80 -3.08 -26.29
N ILE A 106 0.42 -3.29 -25.80
CA ILE A 106 0.61 -4.21 -24.67
C ILE A 106 -0.14 -3.71 -23.44
N GLN A 107 -0.01 -2.43 -23.12
CA GLN A 107 -0.68 -1.90 -21.93
C GLN A 107 -2.19 -1.82 -22.14
N SER A 108 -2.63 -1.44 -23.34
CA SER A 108 -4.06 -1.39 -23.61
C SER A 108 -4.68 -2.78 -23.56
N TYR A 109 -4.00 -3.77 -24.12
CA TYR A 109 -4.48 -5.15 -24.04
C TYR A 109 -4.66 -5.57 -22.59
N LYS A 110 -3.71 -5.21 -21.72
CA LYS A 110 -3.80 -5.62 -20.33
C LYS A 110 -4.88 -4.83 -19.57
N ILE A 111 -5.03 -3.55 -19.89
CA ILE A 111 -6.06 -2.74 -19.23
C ILE A 111 -7.45 -3.22 -19.64
N LEU A 112 -7.65 -3.55 -20.92
CA LEU A 112 -8.93 -4.05 -21.38
C LEU A 112 -9.29 -5.34 -20.67
N LEU A 113 -8.33 -6.24 -20.49
CA LEU A 113 -8.61 -7.52 -19.86
C LEU A 113 -8.87 -7.36 -18.37
N LEU A 114 -8.00 -6.63 -17.67
CA LEU A 114 -8.08 -6.59 -16.22
C LEU A 114 -9.16 -5.65 -15.72
N SER A 115 -9.37 -4.52 -16.39
CA SER A 115 -10.34 -3.53 -15.92
C SER A 115 -11.71 -3.69 -16.56
N CYS A 116 -11.79 -4.26 -17.77
CA CYS A 116 -13.05 -4.40 -18.47
C CYS A 116 -13.44 -5.85 -18.74
N GLY A 117 -12.58 -6.80 -18.43
CA GLY A 117 -12.89 -8.20 -18.67
C GLY A 117 -12.98 -8.58 -20.12
N ILE A 118 -12.35 -7.82 -21.02
CA ILE A 118 -12.43 -8.07 -22.45
C ILE A 118 -11.05 -8.47 -22.95
N SER A 119 -10.96 -9.65 -23.54
CA SER A 119 -9.73 -10.16 -24.14
C SER A 119 -9.77 -9.89 -25.64
N LEU A 120 -8.88 -9.01 -26.10
CA LEU A 120 -8.80 -8.69 -27.52
C LEU A 120 -8.50 -9.95 -28.31
N GLU A 121 -9.18 -10.09 -29.46
CA GLU A 121 -9.09 -11.31 -30.26
C GLU A 121 -9.03 -10.97 -31.75
N GLN A 122 -8.12 -10.09 -32.14
CA GLN A 122 -8.00 -9.68 -33.53
C GLN A 122 -6.51 -9.54 -33.86
N SER A 123 -6.21 -8.96 -35.01
CA SER A 123 -4.84 -8.69 -35.44
C SER A 123 -4.51 -7.25 -35.07
N TYR A 124 -3.41 -7.06 -34.36
CA TYR A 124 -3.12 -5.78 -33.74
C TYR A 124 -1.96 -5.09 -34.45
N GLU A 125 -2.01 -3.76 -34.50
CA GLU A 125 -0.97 -2.93 -35.11
C GLU A 125 -0.67 -1.78 -34.16
N ASP A 126 0.55 -1.77 -33.61
CA ASP A 126 1.00 -0.70 -32.73
C ASP A 126 1.94 0.21 -33.50
N PRO A 127 1.61 1.48 -33.71
CA PRO A 127 2.53 2.36 -34.46
C PRO A 127 3.87 2.53 -33.79
N LYS A 128 3.96 2.35 -32.48
CA LYS A 128 5.26 2.37 -31.82
C LYS A 128 6.17 1.28 -32.37
N VAL A 129 5.63 0.07 -32.53
CA VAL A 129 6.42 -1.04 -33.04
C VAL A 129 6.82 -0.80 -34.48
N ALA A 130 5.91 -0.24 -35.29
CA ALA A 130 6.24 0.07 -36.67
C ALA A 130 7.37 1.08 -36.78
N CYS A 131 7.38 2.09 -35.90
CA CYS A 131 8.47 3.06 -35.90
C CYS A 131 9.80 2.40 -35.59
N TRP A 132 9.83 1.52 -34.58
CA TRP A 132 11.06 0.81 -34.25
C TRP A 132 11.50 -0.09 -35.40
N LEU A 133 10.56 -0.75 -36.06
CA LEU A 133 10.89 -1.68 -37.12
C LEU A 133 11.60 -0.98 -38.28
N LEU A 134 11.27 0.29 -38.52
CA LEU A 134 11.87 1.04 -39.62
C LEU A 134 13.20 1.68 -39.25
N ASP A 135 13.46 1.89 -37.96
CA ASP A 135 14.74 2.41 -37.49
C ASP A 135 14.95 1.99 -36.05
N PRO A 136 15.70 0.91 -35.80
CA PRO A 136 15.84 0.41 -34.43
C PRO A 136 16.64 1.32 -33.51
N ASP A 137 17.43 2.25 -34.04
CA ASP A 137 18.17 3.19 -33.22
C ASP A 137 17.41 4.48 -32.96
N SER A 138 16.22 4.65 -33.55
CA SER A 138 15.43 5.85 -33.33
C SER A 138 15.07 5.98 -31.86
N GLN A 139 14.80 7.22 -31.45
CA GLN A 139 14.32 7.46 -30.09
C GLN A 139 12.97 6.78 -29.90
N GLU A 140 12.72 6.32 -28.69
CA GLU A 140 11.46 5.63 -28.40
C GLU A 140 10.31 6.55 -28.75
N PRO A 141 9.34 6.10 -29.55
CA PRO A 141 8.34 7.01 -30.10
C PRO A 141 7.35 7.46 -29.04
N THR A 142 6.94 8.71 -29.15
CA THR A 142 5.81 9.23 -28.43
C THR A 142 4.73 9.60 -29.44
N LEU A 143 3.51 9.79 -28.95
CA LEU A 143 2.44 10.22 -29.84
C LEU A 143 2.80 11.55 -30.50
N HIS A 144 3.47 12.43 -29.76
CA HIS A 144 3.93 13.70 -30.33
C HIS A 144 4.94 13.47 -31.44
N SER A 145 5.89 12.55 -31.23
CA SER A 145 6.92 12.31 -32.23
C SER A 145 6.34 11.66 -33.49
N ILE A 146 5.34 10.79 -33.33
CA ILE A 146 4.71 10.17 -34.49
C ILE A 146 3.89 11.18 -35.28
N VAL A 147 3.22 12.09 -34.58
CA VAL A 147 2.46 13.13 -35.27
C VAL A 147 3.41 14.19 -35.83
N THR A 148 4.45 14.57 -35.08
CA THR A 148 5.46 15.48 -35.61
C THR A 148 6.08 14.93 -36.89
N SER A 149 6.26 13.61 -36.96
CA SER A 149 6.90 13.00 -38.11
C SER A 149 5.94 12.81 -39.28
N PHE A 150 4.74 12.30 -39.03
CA PHE A 150 3.85 11.87 -40.10
C PHE A 150 2.64 12.77 -40.32
N LEU A 151 2.12 13.37 -39.25
CA LEU A 151 0.98 14.28 -39.37
C LEU A 151 1.32 15.65 -38.81
N PRO A 152 2.37 16.31 -39.31
CA PRO A 152 2.76 17.60 -38.72
C PRO A 152 1.67 18.66 -38.82
N HIS A 153 0.75 18.52 -39.75
CA HIS A 153 -0.37 19.45 -39.84
C HIS A 153 -1.33 19.26 -38.67
N GLU A 154 -1.41 18.05 -38.12
CA GLU A 154 -2.34 17.76 -37.04
C GLU A 154 -1.77 18.04 -35.65
N LEU A 155 -0.52 18.49 -35.57
CA LEU A 155 0.16 18.77 -34.31
C LEU A 155 -0.60 19.73 -33.40
N PRO A 156 -1.34 20.73 -33.94
CA PRO A 156 -2.17 21.55 -33.05
C PRO A 156 -3.16 20.78 -32.19
N LEU A 157 -3.72 19.67 -32.70
CA LEU A 157 -4.62 18.85 -31.88
C LEU A 157 -3.96 18.44 -30.58
N LEU A 158 -2.66 18.12 -30.62
CA LEU A 158 -1.89 17.78 -29.44
C LEU A 158 -1.17 18.97 -28.83
N GLU A 159 -1.17 20.13 -29.50
CA GLU A 159 -0.44 21.29 -28.98
C GLU A 159 -0.88 21.62 -27.56
N GLY A 160 -2.16 21.44 -27.26
CA GLY A 160 -2.63 21.59 -25.90
C GLY A 160 -2.28 20.40 -25.02
N MET A 161 -2.26 19.20 -25.59
CA MET A 161 -1.94 18.00 -24.82
C MET A 161 -0.45 17.96 -24.50
N GLU A 162 -0.13 17.72 -23.23
CA GLU A 162 1.24 17.70 -22.78
C GLU A 162 1.70 16.32 -22.35
N THR A 163 0.78 15.37 -22.19
CA THR A 163 1.12 13.96 -22.08
C THR A 163 1.49 13.35 -23.44
N SER A 164 1.36 14.12 -24.52
CA SER A 164 1.64 13.61 -25.85
C SER A 164 3.12 13.23 -25.99
N GLN A 165 4.02 14.01 -25.40
CA GLN A 165 5.45 13.74 -25.48
C GLN A 165 5.91 12.70 -24.48
N GLY A 166 4.98 11.99 -23.84
CA GLY A 166 5.34 10.87 -22.99
C GLY A 166 5.27 9.55 -23.74
N ILE A 167 5.87 8.52 -23.15
CA ILE A 167 5.87 7.20 -23.77
C ILE A 167 4.50 6.55 -23.64
N GLN A 168 3.73 6.93 -22.62
CA GLN A 168 2.43 6.33 -22.36
C GLN A 168 1.39 6.84 -23.35
N SER A 169 0.42 5.99 -23.67
CA SER A 169 -0.68 6.36 -24.56
C SER A 169 -1.43 7.58 -24.05
N LEU A 170 -1.94 8.38 -24.99
CA LEU A 170 -2.60 9.63 -24.63
C LEU A 170 -3.86 9.37 -23.80
N GLY A 171 -4.68 8.41 -24.24
CA GLY A 171 -5.88 8.09 -23.49
C GLY A 171 -5.61 7.32 -22.21
N LEU A 172 -4.50 6.58 -22.17
CA LEU A 172 -4.12 5.83 -20.98
C LEU A 172 -3.46 6.69 -19.90
N ASN A 173 -3.13 7.94 -20.21
CA ASN A 173 -2.44 8.82 -19.26
C ASN A 173 -3.50 9.49 -18.39
N ALA A 174 -3.83 8.85 -17.28
CA ALA A 174 -4.84 9.37 -16.37
C ALA A 174 -4.38 10.65 -15.67
N GLY A 175 -3.07 10.85 -15.54
CA GLY A 175 -2.57 12.07 -14.96
C GLY A 175 -2.56 13.23 -15.94
N SER A 176 -3.73 13.74 -16.27
CA SER A 176 -3.86 14.84 -17.22
C SER A 176 -5.14 15.61 -16.91
N GLU A 177 -5.04 16.93 -16.93
CA GLU A 177 -6.20 17.79 -16.69
C GLU A 177 -7.22 17.73 -17.82
N HIS A 178 -6.89 17.08 -18.92
CA HIS A 178 -7.81 16.96 -20.05
C HIS A 178 -8.75 15.78 -19.84
N SER A 179 -9.95 15.90 -20.37
CA SER A 179 -10.93 14.82 -20.26
C SER A 179 -10.44 13.59 -21.01
N GLY A 180 -10.74 12.41 -20.45
CA GLY A 180 -10.39 11.18 -21.15
C GLY A 180 -11.09 11.05 -22.49
N ARG A 181 -12.29 11.63 -22.62
CA ARG A 181 -13.00 11.61 -23.88
C ARG A 181 -12.23 12.35 -24.97
N TYR A 182 -11.65 13.49 -24.63
CA TYR A 182 -10.94 14.28 -25.64
C TYR A 182 -9.57 13.69 -25.95
N ARG A 183 -8.87 13.17 -24.95
CA ARG A 183 -7.57 12.54 -25.20
C ARG A 183 -7.72 11.29 -26.06
N ALA A 184 -8.72 10.46 -25.77
CA ALA A 184 -8.91 9.24 -26.55
C ALA A 184 -9.38 9.55 -27.96
N SER A 185 -10.30 10.51 -28.10
CA SER A 185 -10.81 10.86 -29.43
C SER A 185 -9.70 11.41 -30.32
N VAL A 186 -8.88 12.31 -29.77
CA VAL A 186 -7.76 12.86 -30.53
C VAL A 186 -6.81 11.75 -30.95
N GLU A 187 -6.50 10.83 -30.03
CA GLU A 187 -5.53 9.78 -30.33
C GLU A 187 -6.03 8.84 -31.42
N SER A 188 -7.32 8.46 -31.36
CA SER A 188 -7.84 7.48 -32.30
C SER A 188 -7.71 7.95 -33.74
N ILE A 189 -7.93 9.24 -33.97
CA ILE A 189 -7.78 9.78 -35.32
C ILE A 189 -6.31 9.86 -35.71
N LEU A 190 -5.46 10.29 -34.78
CA LEU A 190 -4.05 10.48 -35.10
C LEU A 190 -3.38 9.14 -35.38
N ILE A 191 -3.67 8.13 -34.56
CA ILE A 191 -2.97 6.86 -34.74
C ILE A 191 -3.55 6.07 -35.91
N PHE A 192 -4.82 6.27 -36.26
CA PHE A 192 -5.37 5.57 -37.42
C PHE A 192 -4.69 6.02 -38.70
N ASN A 193 -4.55 7.34 -38.88
CA ASN A 193 -3.93 7.85 -40.10
C ASN A 193 -2.42 7.68 -40.07
N SER A 194 -1.79 7.84 -38.90
CA SER A 194 -0.36 7.58 -38.80
C SER A 194 -0.04 6.15 -39.19
N MET A 195 -0.79 5.18 -38.67
CA MET A 195 -0.51 3.78 -38.95
C MET A 195 -0.67 3.46 -40.43
N ASN A 196 -1.56 4.19 -41.13
CA ASN A 196 -1.65 4.03 -42.58
C ASN A 196 -0.36 4.46 -43.26
N GLN A 197 0.20 5.61 -42.83
CA GLN A 197 1.49 6.03 -43.36
C GLN A 197 2.58 5.01 -43.04
N LEU A 198 2.60 4.52 -41.79
CA LEU A 198 3.63 3.57 -41.40
C LEU A 198 3.51 2.25 -42.15
N ASN A 199 2.30 1.84 -42.49
CA ASN A 199 2.13 0.62 -43.27
C ASN A 199 2.68 0.78 -44.70
N SER A 200 2.48 1.96 -45.31
CA SER A 200 3.07 2.23 -46.61
C SER A 200 4.59 2.19 -46.55
N LEU A 201 5.16 2.67 -45.45
CA LEU A 201 6.62 2.62 -45.29
C LEU A 201 7.09 1.19 -45.06
N LEU A 202 6.33 0.40 -44.29
CA LEU A 202 6.69 -0.99 -44.07
C LEU A 202 6.69 -1.78 -45.38
N GLN A 203 5.67 -1.58 -46.21
CA GLN A 203 5.63 -2.24 -47.52
C GLN A 203 6.78 -1.77 -48.40
N LYS A 204 7.09 -0.48 -48.36
CA LYS A 204 8.18 0.07 -49.17
C LYS A 204 9.50 -0.56 -48.79
N GLU A 205 9.69 -0.87 -47.51
CA GLU A 205 10.89 -1.54 -47.03
C GLU A 205 10.75 -3.06 -46.96
N ASN A 206 9.61 -3.61 -47.41
CA ASN A 206 9.33 -5.04 -47.34
C ASN A 206 9.54 -5.57 -45.92
N LEU A 207 8.91 -4.88 -44.96
CA LEU A 207 8.95 -5.28 -43.56
C LEU A 207 7.56 -5.51 -42.99
N GLN A 208 6.51 -5.49 -43.82
CA GLN A 208 5.16 -5.61 -43.28
C GLN A 208 4.85 -7.03 -42.84
N ASP A 209 5.40 -8.04 -43.52
CA ASP A 209 5.22 -9.41 -43.05
C ASP A 209 5.93 -9.65 -41.74
N VAL A 210 7.13 -9.07 -41.58
CA VAL A 210 7.82 -9.12 -40.29
C VAL A 210 6.97 -8.45 -39.22
N PHE A 211 6.37 -7.30 -39.56
CA PHE A 211 5.54 -6.57 -38.61
C PHE A 211 4.34 -7.39 -38.18
N ARG A 212 3.63 -7.99 -39.14
CA ARG A 212 2.37 -8.65 -38.82
C ARG A 212 2.55 -10.08 -38.32
N LYS A 213 3.61 -10.77 -38.74
CA LYS A 213 3.77 -12.17 -38.40
C LYS A 213 4.78 -12.42 -37.28
N VAL A 214 5.66 -11.47 -36.99
CA VAL A 214 6.68 -11.67 -35.97
C VAL A 214 6.59 -10.63 -34.88
N GLU A 215 6.75 -9.35 -35.24
CA GLU A 215 6.95 -8.31 -34.23
C GLU A 215 5.68 -8.06 -33.44
N MET A 216 4.53 -7.88 -34.12
CA MET A 216 3.29 -7.68 -33.37
C MET A 216 2.90 -8.93 -32.60
N PRO A 217 2.94 -10.15 -33.17
CA PRO A 217 2.70 -11.33 -32.32
C PRO A 217 3.69 -11.45 -31.18
N SER A 218 4.94 -11.00 -31.38
CA SER A 218 5.90 -10.96 -30.28
C SER A 218 5.40 -10.06 -29.16
N GLN A 219 4.79 -8.93 -29.52
CA GLN A 219 4.21 -8.05 -28.51
C GLN A 219 3.04 -8.72 -27.80
N TYR A 220 2.27 -9.53 -28.52
CA TYR A 220 1.17 -10.27 -27.90
C TYR A 220 1.69 -11.24 -26.86
N CYS A 221 2.79 -11.95 -27.17
CA CYS A 221 3.35 -12.89 -26.21
C CYS A 221 3.89 -12.19 -24.97
N LEU A 222 4.50 -11.01 -25.14
CA LEU A 222 5.00 -10.28 -24.00
C LEU A 222 3.87 -9.75 -23.12
N ALA A 223 2.72 -9.44 -23.73
CA ALA A 223 1.57 -9.03 -22.92
C ALA A 223 1.10 -10.17 -22.03
N LEU A 224 1.13 -11.40 -22.54
CA LEU A 224 0.80 -12.56 -21.72
C LEU A 224 1.83 -12.74 -20.62
N LEU A 225 3.11 -12.54 -20.94
CA LEU A 225 4.16 -12.63 -19.94
C LEU A 225 3.96 -11.60 -18.82
N GLU A 226 3.61 -10.36 -19.18
CA GLU A 226 3.42 -9.34 -18.17
C GLU A 226 2.19 -9.61 -17.31
N LEU A 227 1.16 -10.24 -17.88
CA LEU A 227 0.01 -10.64 -17.08
C LEU A 227 0.35 -11.82 -16.18
N ASN A 228 1.20 -12.73 -16.66
CA ASN A 228 1.59 -13.88 -15.86
C ASN A 228 2.43 -13.46 -14.65
N GLY A 229 3.46 -12.66 -14.89
CA GLY A 229 4.47 -12.43 -13.89
C GLY A 229 5.32 -13.69 -13.73
N ILE A 230 6.32 -13.59 -12.86
CA ILE A 230 7.17 -14.72 -12.54
C ILE A 230 7.08 -14.99 -11.04
N GLY A 231 6.92 -16.26 -10.68
CA GLY A 231 6.80 -16.60 -9.27
C GLY A 231 8.07 -16.28 -8.51
N PHE A 232 7.90 -15.85 -7.26
CA PHE A 232 9.02 -15.38 -6.45
C PHE A 232 8.80 -15.78 -5.01
N SER A 233 9.81 -16.40 -4.40
CA SER A 233 9.76 -16.83 -3.01
C SER A 233 10.47 -15.80 -2.15
N THR A 234 9.72 -15.10 -1.31
CA THR A 234 10.31 -14.08 -0.44
C THR A 234 11.20 -14.71 0.62
N ALA A 235 10.80 -15.86 1.15
CA ALA A 235 11.59 -16.51 2.20
C ALA A 235 12.90 -17.06 1.65
N GLU A 236 12.90 -17.52 0.40
CA GLU A 236 14.14 -17.99 -0.21
C GLU A 236 15.11 -16.83 -0.41
N CYS A 237 14.60 -15.69 -0.87
CA CYS A 237 15.45 -14.52 -1.08
C CYS A 237 15.94 -13.96 0.25
N GLU A 238 15.06 -13.89 1.26
CA GLU A 238 15.48 -13.40 2.57
C GLU A 238 16.52 -14.31 3.20
N SER A 239 16.45 -15.62 2.94
CA SER A 239 17.43 -16.55 3.49
C SER A 239 18.82 -16.27 2.93
N GLN A 240 18.92 -16.01 1.62
CA GLN A 240 20.21 -15.75 1.01
C GLN A 240 20.79 -14.41 1.43
N LYS A 241 19.93 -13.40 1.66
CA LYS A 241 20.42 -12.11 2.12
C LYS A 241 21.13 -12.22 3.46
N HIS A 242 20.60 -13.05 4.37
CA HIS A 242 21.23 -13.22 5.67
C HIS A 242 22.58 -13.92 5.54
N ILE A 243 22.65 -14.95 4.69
CA ILE A 243 23.92 -15.62 4.42
C ILE A 243 24.91 -14.63 3.82
N MET A 244 24.48 -13.90 2.78
CA MET A 244 25.36 -12.96 2.10
C MET A 244 25.83 -11.87 3.04
N GLN A 245 24.91 -11.30 3.82
CA GLN A 245 25.28 -10.19 4.71
C GLN A 245 26.27 -10.64 5.77
N ALA A 246 26.18 -11.90 6.22
CA ALA A 246 27.16 -12.41 7.17
C ALA A 246 28.52 -12.57 6.52
N LYS A 247 28.55 -13.00 5.25
CA LYS A 247 29.81 -13.08 4.53
C LYS A 247 30.39 -11.70 4.30
N LEU A 248 29.53 -10.71 4.03
CA LEU A 248 29.99 -9.35 3.82
C LEU A 248 30.65 -8.79 5.08
N ASP A 249 30.05 -9.05 6.25
CA ASP A 249 30.64 -8.58 7.50
C ASP A 249 32.01 -9.20 7.73
N ALA A 250 32.14 -10.50 7.45
CA ALA A 250 33.43 -11.16 7.62
C ALA A 250 34.46 -10.66 6.63
N ILE A 251 34.04 -10.41 5.38
CA ILE A 251 34.96 -9.90 4.36
C ILE A 251 35.54 -8.55 4.80
N GLU A 252 34.67 -7.66 5.29
CA GLU A 252 35.14 -6.34 5.73
C GLU A 252 36.09 -6.46 6.90
N THR A 253 35.83 -7.38 7.83
CA THR A 253 36.71 -7.56 8.97
C THR A 253 38.09 -8.04 8.55
N GLN A 254 38.13 -9.05 7.67
CA GLN A 254 39.42 -9.56 7.21
C GLN A 254 40.15 -8.54 6.35
N ALA A 255 39.41 -7.76 5.57
CA ALA A 255 40.04 -6.77 4.70
C ALA A 255 40.73 -5.69 5.53
N TYR A 256 40.06 -5.19 6.57
CA TYR A 256 40.63 -4.13 7.39
C TYR A 256 41.88 -4.60 8.13
N GLN A 257 41.90 -5.87 8.55
CA GLN A 257 43.12 -6.42 9.16
C GLN A 257 44.25 -6.46 8.15
N LEU A 258 43.97 -6.84 6.89
CA LEU A 258 45.01 -6.87 5.88
C LEU A 258 45.53 -5.49 5.57
N ALA A 259 44.64 -4.50 5.52
CA ALA A 259 45.07 -3.12 5.26
C ALA A 259 45.67 -2.46 6.50
N GLY A 260 45.45 -3.02 7.68
CA GLY A 260 45.88 -2.40 8.92
C GLY A 260 44.99 -1.26 9.38
N HIS A 261 43.94 -0.95 8.65
CA HIS A 261 43.03 0.13 9.01
C HIS A 261 41.74 -0.04 8.21
N SER A 262 40.74 0.76 8.56
CA SER A 262 39.45 0.73 7.90
C SER A 262 39.47 1.58 6.64
N PHE A 263 38.76 1.11 5.61
CA PHE A 263 38.61 1.85 4.37
C PHE A 263 37.21 1.63 3.82
N SER A 264 36.85 2.42 2.82
CA SER A 264 35.55 2.35 2.17
C SER A 264 35.67 1.52 0.89
N PHE A 265 34.94 0.39 0.86
CA PHE A 265 34.92 -0.43 -0.36
C PHE A 265 34.30 0.31 -1.53
N THR A 266 33.48 1.33 -1.27
CA THR A 266 32.84 2.11 -2.33
C THR A 266 33.71 3.27 -2.82
N SER A 267 34.86 3.52 -2.19
CA SER A 267 35.73 4.62 -2.54
C SER A 267 36.90 4.09 -3.37
N SER A 268 36.98 4.52 -4.63
CA SER A 268 38.08 4.10 -5.49
C SER A 268 39.41 4.68 -5.04
N ASP A 269 39.40 5.78 -4.30
CA ASP A 269 40.65 6.37 -3.82
C ASP A 269 41.20 5.62 -2.61
N ASP A 270 40.34 5.29 -1.65
CA ASP A 270 40.78 4.50 -0.51
C ASP A 270 41.30 3.14 -0.94
N ILE A 271 40.64 2.52 -1.93
CA ILE A 271 41.10 1.24 -2.44
C ILE A 271 42.43 1.40 -3.16
N ALA A 272 42.56 2.45 -3.97
CA ALA A 272 43.82 2.68 -4.67
C ALA A 272 44.96 2.98 -3.69
N GLU A 273 44.67 3.76 -2.64
CA GLU A 273 45.69 4.11 -1.67
C GLU A 273 46.18 2.88 -0.91
N VAL A 274 45.26 2.00 -0.49
CA VAL A 274 45.67 0.82 0.25
C VAL A 274 46.46 -0.13 -0.64
N LEU A 275 45.94 -0.41 -1.84
CA LEU A 275 46.58 -1.40 -2.72
C LEU A 275 47.93 -0.91 -3.20
N PHE A 276 47.99 0.30 -3.77
CA PHE A 276 49.18 0.78 -4.44
C PHE A 276 50.06 1.66 -3.56
N LEU A 277 49.47 2.64 -2.87
CA LEU A 277 50.27 3.58 -2.10
C LEU A 277 50.79 2.96 -0.82
N GLU A 278 50.04 2.04 -0.20
CA GLU A 278 50.41 1.44 1.07
C GLU A 278 50.97 0.03 0.92
N LEU A 279 50.24 -0.86 0.26
CA LEU A 279 50.69 -2.24 0.11
C LEU A 279 51.77 -2.40 -0.95
N LYS A 280 52.02 -1.38 -1.77
CA LYS A 280 53.06 -1.41 -2.80
C LYS A 280 52.82 -2.54 -3.80
N LEU A 281 51.55 -2.79 -4.12
CA LEU A 281 51.22 -3.76 -5.13
C LEU A 281 51.54 -3.21 -6.52
N PRO A 282 51.88 -4.08 -7.47
CA PRO A 282 52.25 -3.63 -8.83
C PRO A 282 51.23 -2.65 -9.38
N PRO A 283 51.65 -1.41 -9.63
CA PRO A 283 50.68 -0.33 -9.89
C PRO A 283 50.18 -0.22 -11.33
N GLY A 284 50.58 -1.12 -12.22
CA GLY A 284 50.10 -1.10 -13.59
C GLY A 284 50.38 0.19 -14.34
N GLY A 288 46.20 6.39 -15.99
CA GLY A 288 46.80 5.22 -16.61
C GLY A 288 47.22 4.17 -15.60
N GLN A 289 47.01 4.48 -14.32
CA GLN A 289 47.35 3.57 -13.23
C GLN A 289 46.48 3.93 -12.02
N PHE A 290 46.70 3.22 -10.92
CA PHE A 290 45.87 3.35 -9.71
C PHE A 290 44.41 3.11 -10.01
N SER A 291 44.12 2.32 -11.04
CA SER A 291 42.76 1.93 -11.38
C SER A 291 42.36 0.73 -10.54
N THR A 292 41.16 0.79 -9.96
CA THR A 292 40.62 -0.30 -9.16
C THR A 292 39.63 -1.15 -9.94
N SER A 293 39.80 -1.25 -11.26
CA SER A 293 38.86 -1.93 -12.12
C SER A 293 38.89 -3.43 -11.88
N LYS A 294 37.82 -4.11 -12.32
CA LYS A 294 37.73 -5.55 -12.18
C LYS A 294 38.89 -6.25 -12.88
N ASP A 295 39.38 -5.69 -13.99
CA ASP A 295 40.52 -6.28 -14.67
C ASP A 295 41.79 -6.16 -13.83
N VAL A 296 42.01 -5.01 -13.19
CA VAL A 296 43.18 -4.83 -12.35
C VAL A 296 43.15 -5.77 -11.16
N LEU A 297 41.98 -5.90 -10.52
CA LEU A 297 41.87 -6.74 -9.33
C LEU A 297 41.91 -8.23 -9.68
N ASN A 298 41.50 -8.59 -10.90
CA ASN A 298 41.59 -10.00 -11.32
C ASN A 298 43.05 -10.44 -11.47
N LYS A 299 43.94 -9.50 -11.81
CA LYS A 299 45.36 -9.83 -11.88
C LYS A 299 46.01 -9.76 -10.50
N LEU A 300 45.71 -8.71 -9.74
CA LEU A 300 46.37 -8.52 -8.45
C LEU A 300 45.95 -9.53 -7.40
N LYS A 301 44.80 -10.19 -7.59
CA LYS A 301 44.33 -11.15 -6.59
C LYS A 301 45.24 -12.37 -6.50
N ALA A 302 46.10 -12.59 -7.49
CA ALA A 302 47.06 -13.68 -7.42
C ALA A 302 48.27 -13.34 -6.55
N LEU A 303 48.49 -12.04 -6.28
CA LEU A 303 49.62 -11.59 -5.48
C LEU A 303 49.27 -11.37 -4.02
N HIS A 304 48.06 -10.87 -3.74
CA HIS A 304 47.66 -10.46 -2.41
C HIS A 304 46.20 -10.80 -2.22
N PRO A 305 45.79 -11.18 -1.00
CA PRO A 305 44.39 -11.59 -0.79
C PRO A 305 43.39 -10.44 -0.86
N LEU A 306 43.82 -9.21 -0.61
CA LEU A 306 42.89 -8.09 -0.52
C LEU A 306 42.18 -7.78 -1.83
N PRO A 307 42.88 -7.79 -2.99
CA PRO A 307 42.15 -7.60 -4.26
C PRO A 307 41.01 -8.59 -4.46
N GLY A 308 41.22 -9.86 -4.10
CA GLY A 308 40.14 -10.83 -4.21
C GLY A 308 38.99 -10.54 -3.26
N LEU A 309 39.29 -10.03 -2.07
CA LEU A 309 38.23 -9.68 -1.12
C LEU A 309 37.41 -8.50 -1.63
N ILE A 310 38.04 -7.55 -2.31
CA ILE A 310 37.29 -6.43 -2.88
C ILE A 310 36.37 -6.92 -3.98
N LEU A 311 36.84 -7.87 -4.79
CA LEU A 311 35.99 -8.43 -5.85
C LEU A 311 34.80 -9.18 -5.27
N GLU A 312 35.03 -9.93 -4.19
CA GLU A 312 33.93 -10.66 -3.56
C GLU A 312 32.97 -9.71 -2.87
N TRP A 313 33.50 -8.64 -2.26
CA TRP A 313 32.64 -7.65 -1.63
C TRP A 313 31.74 -6.97 -2.65
N ARG A 314 32.30 -6.61 -3.80
CA ARG A 314 31.49 -5.95 -4.84
C ARG A 314 30.44 -6.89 -5.39
N ARG A 315 30.74 -8.18 -5.49
CA ARG A 315 29.77 -9.14 -6.00
C ARG A 315 28.59 -9.28 -5.05
N ILE A 316 28.87 -9.43 -3.76
CA ILE A 316 27.81 -9.66 -2.78
C ILE A 316 27.02 -8.37 -2.53
N THR A 317 27.71 -7.22 -2.50
CA THR A 317 27.00 -5.95 -2.34
C THR A 317 26.07 -5.68 -3.51
N ASN A 318 26.49 -6.03 -4.73
CA ASN A 318 25.61 -5.90 -5.88
C ASN A 318 24.38 -6.78 -5.71
N ALA A 319 24.57 -8.03 -5.27
CA ALA A 319 23.44 -8.94 -5.12
C ALA A 319 22.45 -8.41 -4.08
N ILE A 320 22.95 -7.80 -3.01
CA ILE A 320 22.06 -7.33 -1.95
C ILE A 320 21.39 -6.02 -2.37
N THR A 321 22.16 -5.03 -2.81
CA THR A 321 21.60 -3.71 -3.07
C THR A 321 20.86 -3.64 -4.40
N LYS A 322 21.30 -4.39 -5.40
CA LYS A 322 20.72 -4.30 -6.73
C LYS A 322 19.77 -5.43 -7.07
N VAL A 323 19.77 -6.53 -6.31
CA VAL A 323 18.89 -7.64 -6.62
C VAL A 323 17.93 -7.91 -5.47
N VAL A 324 18.47 -8.16 -4.27
CA VAL A 324 17.63 -8.54 -3.13
C VAL A 324 16.55 -7.48 -2.89
N PHE A 325 16.98 -6.26 -2.56
CA PHE A 325 16.02 -5.23 -2.20
C PHE A 325 15.06 -4.86 -3.33
N PRO A 326 15.49 -4.72 -4.60
CA PRO A 326 14.50 -4.45 -5.66
C PRO A 326 13.47 -5.57 -5.83
N LEU A 327 13.87 -6.83 -5.69
CA LEU A 327 12.92 -7.92 -5.87
C LEU A 327 11.86 -7.92 -4.77
N GLN A 328 12.29 -7.80 -3.51
CA GLN A 328 11.33 -7.72 -2.42
C GLN A 328 10.52 -6.43 -2.46
N ARG A 329 11.05 -5.40 -3.12
CA ARG A 329 10.31 -4.15 -3.25
C ARG A 329 9.15 -4.29 -4.24
N GLU A 330 9.32 -5.12 -5.27
CA GLU A 330 8.35 -5.21 -6.37
C GLU A 330 7.45 -6.43 -6.28
N LYS A 331 7.67 -7.32 -5.33
CA LYS A 331 6.83 -8.51 -5.20
C LYS A 331 5.39 -8.12 -4.86
N CYS A 332 4.44 -8.76 -5.54
CA CYS A 332 3.02 -8.59 -5.29
C CYS A 332 2.42 -9.95 -4.95
N LEU A 333 1.38 -9.93 -4.10
CA LEU A 333 0.66 -11.14 -3.79
C LEU A 333 -0.32 -11.46 -4.91
N ASN A 334 -0.32 -12.72 -5.35
CA ASN A 334 -1.34 -13.21 -6.26
C ASN A 334 -2.30 -14.08 -5.45
N PRO A 335 -3.48 -13.58 -5.06
CA PRO A 335 -4.36 -14.38 -4.20
C PRO A 335 -4.94 -15.60 -4.89
N PHE A 336 -5.02 -15.61 -6.22
CA PHE A 336 -5.63 -16.76 -6.90
C PHE A 336 -4.68 -17.95 -6.92
N LEU A 337 -3.39 -17.72 -7.14
CA LEU A 337 -2.40 -18.78 -7.12
C LEU A 337 -1.85 -19.06 -5.73
N GLY A 338 -2.06 -18.15 -4.78
CA GLY A 338 -1.56 -18.34 -3.44
C GLY A 338 -0.05 -18.24 -3.36
N MET A 339 0.51 -17.17 -3.91
CA MET A 339 1.95 -16.99 -3.96
C MET A 339 2.25 -15.52 -4.24
N GLU A 340 3.52 -15.18 -4.11
CA GLU A 340 4.01 -13.87 -4.51
C GLU A 340 4.68 -13.98 -5.87
N ARG A 341 4.56 -12.92 -6.67
CA ARG A 341 5.13 -12.91 -8.01
C ARG A 341 5.73 -11.54 -8.29
N ILE A 342 6.61 -11.51 -9.29
CA ILE A 342 7.20 -10.28 -9.80
C ILE A 342 6.60 -10.01 -11.18
N TYR A 343 6.25 -8.75 -11.44
CA TYR A 343 5.64 -8.33 -12.70
C TYR A 343 6.52 -7.30 -13.37
N PRO A 344 7.45 -7.73 -14.21
CA PRO A 344 8.34 -6.79 -14.90
C PRO A 344 7.68 -6.25 -16.16
N VAL A 345 8.26 -5.16 -16.67
CA VAL A 345 7.80 -4.48 -17.87
C VAL A 345 8.75 -4.82 -19.00
N SER A 346 8.22 -5.38 -20.09
CA SER A 346 9.06 -5.75 -21.22
C SER A 346 9.44 -4.51 -22.02
N GLN A 347 10.59 -4.58 -22.69
CA GLN A 347 11.09 -3.49 -23.52
C GLN A 347 11.60 -4.09 -24.82
N SER A 348 11.04 -3.66 -25.94
CA SER A 348 11.43 -4.19 -27.25
C SER A 348 11.99 -3.14 -28.18
N HIS A 349 12.18 -1.90 -27.72
CA HIS A 349 12.77 -0.85 -28.56
C HIS A 349 14.28 -0.83 -28.35
N THR A 350 14.93 -1.84 -28.93
CA THR A 350 16.36 -2.05 -28.76
C THR A 350 17.07 -1.97 -30.11
N ALA A 351 18.39 -1.81 -30.05
CA ALA A 351 19.17 -1.61 -31.27
C ALA A 351 19.18 -2.84 -32.16
N THR A 352 19.09 -4.04 -31.57
CA THR A 352 19.25 -5.28 -32.32
C THR A 352 17.99 -6.14 -32.31
N GLY A 353 16.94 -5.74 -31.61
CA GLY A 353 15.71 -6.48 -31.62
C GLY A 353 15.57 -7.53 -30.54
N ARG A 354 16.48 -7.58 -29.58
CA ARG A 354 16.29 -8.50 -28.47
C ARG A 354 15.51 -7.79 -27.37
N ILE A 355 14.75 -8.56 -26.62
CA ILE A 355 13.81 -8.05 -25.62
C ILE A 355 14.50 -8.00 -24.27
N THR A 356 14.29 -6.89 -23.55
CA THR A 356 14.78 -6.75 -22.18
C THR A 356 13.59 -6.41 -21.28
N PHE A 357 13.89 -6.18 -19.99
CA PHE A 357 12.85 -6.00 -18.99
C PHE A 357 13.28 -4.94 -17.99
N THR A 358 12.29 -4.22 -17.45
CA THR A 358 12.53 -3.20 -16.44
C THR A 358 11.57 -3.35 -15.27
N GLU A 359 11.95 -2.75 -14.15
CA GLU A 359 11.12 -2.61 -12.95
C GLU A 359 10.54 -3.94 -12.44
N PRO A 360 11.37 -4.87 -11.99
CA PRO A 360 12.84 -4.88 -11.98
C PRO A 360 13.38 -5.65 -13.20
N ASN A 361 14.67 -5.57 -13.51
CA ASN A 361 15.20 -6.28 -14.66
C ASN A 361 15.54 -7.70 -14.23
N ILE A 362 14.61 -8.62 -14.46
CA ILE A 362 14.79 -10.02 -14.05
C ILE A 362 15.95 -10.64 -14.80
N GLN A 363 16.31 -10.11 -15.96
CA GLN A 363 17.42 -10.66 -16.72
C GLN A 363 18.76 -10.50 -16.02
N ASN A 364 18.85 -9.61 -15.03
CA ASN A 364 20.11 -9.33 -14.34
C ASN A 364 20.33 -10.18 -13.09
N VAL A 365 19.46 -11.17 -12.84
CA VAL A 365 19.65 -11.98 -11.63
C VAL A 365 20.99 -12.70 -11.71
N PRO A 366 21.86 -12.57 -10.70
CA PRO A 366 23.20 -13.15 -10.81
C PRO A 366 23.18 -14.65 -11.04
N ARG A 367 24.19 -15.13 -11.76
CA ARG A 367 24.44 -16.56 -11.85
C ARG A 367 24.84 -17.09 -10.48
N ASP A 368 24.79 -18.41 -10.33
CA ASP A 368 25.19 -19.03 -9.08
C ASP A 368 26.65 -18.72 -8.79
N PHE A 369 26.93 -18.33 -7.55
CA PHE A 369 28.30 -18.19 -7.08
C PHE A 369 28.44 -18.83 -5.72
N GLU A 370 29.68 -18.94 -5.26
CA GLU A 370 30.01 -19.66 -4.04
C GLU A 370 30.67 -18.72 -3.04
N ILE A 371 30.35 -18.91 -1.77
CA ILE A 371 30.97 -18.18 -0.67
C ILE A 371 31.40 -19.18 0.39
N LYS A 372 32.65 -19.09 0.81
CA LYS A 372 33.14 -19.90 1.92
C LYS A 372 32.92 -19.15 3.23
N MET A 373 32.29 -19.82 4.19
CA MET A 373 31.93 -19.22 5.46
C MET A 373 32.41 -20.10 6.60
N GLY A 374 32.76 -19.47 7.72
CA GLY A 374 33.17 -20.17 8.91
C GLY A 374 34.69 -20.21 9.06
N GLY A 375 35.12 -20.92 10.11
CA GLY A 375 36.54 -21.07 10.38
C GLY A 375 37.15 -22.24 9.64
N SER A 376 38.46 -22.36 9.78
CA SER A 376 39.25 -23.43 9.18
C SER A 376 39.06 -23.47 7.67
N GLY A 377 39.41 -22.35 7.03
CA GLY A 377 39.28 -22.22 5.59
C GLY A 377 37.88 -22.02 5.07
N GLY A 378 36.86 -22.23 5.91
CA GLY A 378 35.49 -22.03 5.48
C GLY A 378 34.93 -23.18 4.68
N MET A 379 33.68 -23.53 4.94
CA MET A 379 32.91 -24.50 4.18
C MET A 379 32.15 -23.80 3.07
N PRO A 380 31.96 -24.44 1.93
CA PRO A 380 31.35 -23.77 0.78
C PRO A 380 29.83 -23.74 0.87
N PHE A 381 29.24 -22.63 0.44
CA PHE A 381 27.80 -22.48 0.35
C PHE A 381 27.47 -21.82 -0.98
N SER A 382 26.46 -22.34 -1.66
CA SER A 382 26.09 -21.87 -2.98
C SER A 382 24.99 -20.83 -2.87
N ILE A 383 25.25 -19.63 -3.38
CA ILE A 383 24.25 -18.57 -3.46
C ILE A 383 23.66 -18.61 -4.86
N SER A 384 22.41 -19.07 -4.95
CA SER A 384 21.69 -19.19 -6.21
C SER A 384 20.46 -18.29 -6.10
N MET A 385 20.61 -17.03 -6.52
CA MET A 385 19.49 -16.10 -6.42
C MET A 385 18.35 -16.51 -7.34
N ARG A 386 18.66 -17.21 -8.44
CA ARG A 386 17.62 -17.72 -9.31
C ARG A 386 16.76 -18.78 -8.64
N HIS A 387 17.25 -19.39 -7.55
CA HIS A 387 16.43 -20.34 -6.80
C HIS A 387 15.25 -19.67 -6.14
N ALA A 388 15.26 -18.35 -6.00
CA ALA A 388 14.15 -17.59 -5.44
C ALA A 388 12.97 -17.47 -6.40
N PHE A 389 13.15 -17.79 -7.67
CA PHE A 389 12.08 -17.69 -8.67
C PHE A 389 11.49 -19.08 -8.87
N VAL A 390 10.24 -19.25 -8.42
CA VAL A 390 9.62 -20.57 -8.29
C VAL A 390 8.32 -20.64 -9.07
N PRO A 391 7.89 -21.84 -9.51
CA PRO A 391 6.59 -21.96 -10.19
C PRO A 391 5.42 -21.84 -9.22
N PHE A 392 4.20 -21.89 -9.74
CA PHE A 392 3.05 -21.93 -8.85
C PHE A 392 3.04 -23.26 -8.09
N PRO A 393 2.38 -23.31 -6.92
CA PRO A 393 2.36 -24.56 -6.13
C PRO A 393 1.96 -25.77 -6.96
N GLY A 394 2.85 -26.74 -7.06
CA GLY A 394 2.61 -27.94 -7.81
C GLY A 394 3.11 -27.92 -9.24
N GLY A 395 3.60 -26.77 -9.72
CA GLY A 395 4.09 -26.65 -11.07
C GLY A 395 5.60 -26.78 -11.17
N SER A 396 6.08 -26.56 -12.39
CA SER A 396 7.50 -26.64 -12.70
C SER A 396 7.92 -25.44 -13.54
N ILE A 397 9.22 -25.19 -13.57
CA ILE A 397 9.83 -24.21 -14.44
C ILE A 397 10.50 -24.94 -15.59
N LEU A 398 10.21 -24.53 -16.82
CA LEU A 398 10.81 -25.10 -18.01
C LEU A 398 11.78 -24.10 -18.62
N ALA A 399 12.96 -24.58 -19.01
CA ALA A 399 14.01 -23.71 -19.55
C ALA A 399 14.59 -24.37 -20.79
N ALA A 400 14.11 -23.96 -21.96
CA ALA A 400 14.68 -24.40 -23.24
C ALA A 400 15.65 -23.35 -23.76
N ASP A 401 16.78 -23.81 -24.29
CA ASP A 401 17.92 -22.94 -24.57
C ASP A 401 18.49 -23.27 -25.93
N TYR A 402 18.65 -22.24 -26.77
CA TYR A 402 19.38 -22.39 -28.03
C TYR A 402 20.87 -22.54 -27.71
N SER A 403 21.42 -23.73 -27.98
CA SER A 403 22.83 -23.97 -27.71
C SER A 403 23.68 -23.25 -28.75
N GLN A 404 24.45 -22.25 -28.29
CA GLN A 404 25.40 -21.53 -29.15
C GLN A 404 24.71 -20.93 -30.36
N LEU A 405 23.69 -20.10 -30.09
CA LEU A 405 22.88 -19.53 -31.16
C LEU A 405 23.68 -18.58 -32.04
N GLU A 406 24.33 -17.59 -31.43
CA GLU A 406 25.07 -16.63 -32.25
C GLU A 406 26.26 -17.28 -32.94
N LEU A 407 26.82 -18.35 -32.35
CA LEU A 407 27.92 -19.05 -32.99
C LEU A 407 27.45 -19.89 -34.16
N ARG A 408 26.25 -20.49 -34.06
CA ARG A 408 25.70 -21.24 -35.19
C ARG A 408 25.23 -20.31 -36.30
N ILE A 409 24.74 -19.12 -35.93
CA ILE A 409 24.37 -18.13 -36.94
C ILE A 409 25.61 -17.60 -37.64
N LEU A 410 26.69 -17.38 -36.89
CA LEU A 410 27.96 -17.00 -37.50
C LEU A 410 28.47 -18.11 -38.41
N ALA A 411 28.22 -19.38 -38.04
CA ALA A 411 28.65 -20.48 -38.90
C ALA A 411 27.79 -20.55 -40.16
N HIS A 412 26.50 -20.27 -40.04
CA HIS A 412 25.62 -20.33 -41.19
C HIS A 412 25.91 -19.21 -42.18
N LEU A 413 26.28 -18.03 -41.68
CA LEU A 413 26.53 -16.89 -42.55
C LEU A 413 27.94 -16.88 -43.13
N SER A 414 28.92 -17.41 -42.39
CA SER A 414 30.31 -17.37 -42.83
C SER A 414 30.77 -18.66 -43.50
N HIS A 415 30.09 -19.77 -43.24
CA HIS A 415 30.48 -21.09 -43.76
C HIS A 415 31.90 -21.47 -43.34
N ASP A 416 32.32 -21.02 -42.16
CA ASP A 416 33.65 -21.32 -41.65
C ASP A 416 33.68 -22.78 -41.20
N ARG A 417 34.36 -23.63 -41.97
CA ARG A 417 34.34 -25.06 -41.69
C ARG A 417 34.97 -25.39 -40.35
N ARG A 418 35.94 -24.60 -39.89
CA ARG A 418 36.53 -24.90 -38.58
C ARG A 418 35.53 -24.61 -37.46
N LEU A 419 34.82 -23.48 -37.54
CA LEU A 419 33.79 -23.17 -36.55
C LEU A 419 32.68 -24.20 -36.56
N ILE A 420 32.25 -24.60 -37.76
CA ILE A 420 31.21 -25.63 -37.89
C ILE A 420 31.67 -26.93 -37.23
N GLN A 421 32.96 -27.26 -37.38
CA GLN A 421 33.51 -28.48 -36.80
C GLN A 421 33.56 -28.38 -35.28
N VAL A 422 33.97 -27.24 -34.75
CA VAL A 422 34.01 -27.05 -33.30
C VAL A 422 32.61 -27.16 -32.72
N LEU A 423 31.59 -26.71 -33.46
CA LEU A 423 30.23 -26.75 -32.96
C LEU A 423 29.65 -28.17 -32.99
N ASN A 424 29.89 -28.91 -34.08
CA ASN A 424 29.26 -30.21 -34.24
C ASN A 424 29.97 -31.31 -33.45
N THR A 425 31.30 -31.23 -33.32
CA THR A 425 32.05 -32.30 -32.66
C THR A 425 32.82 -31.84 -31.43
N GLY A 426 33.31 -30.60 -31.41
CA GLY A 426 34.23 -30.19 -30.37
C GLY A 426 33.56 -30.03 -29.02
N ALA A 427 34.41 -29.96 -27.99
CA ALA A 427 33.95 -29.74 -26.62
C ALA A 427 33.63 -28.25 -26.45
N ASP A 428 33.33 -27.84 -25.22
CA ASP A 428 32.89 -26.48 -24.95
C ASP A 428 33.99 -25.49 -25.31
N VAL A 429 33.67 -24.57 -26.23
CA VAL A 429 34.66 -23.61 -26.71
C VAL A 429 35.21 -22.78 -25.55
N PHE A 430 34.33 -22.31 -24.66
CA PHE A 430 34.75 -21.39 -23.61
C PHE A 430 35.70 -22.08 -22.63
N ARG A 431 35.43 -23.35 -22.30
CA ARG A 431 36.36 -24.07 -21.43
C ARG A 431 37.69 -24.32 -22.14
N SER A 432 37.67 -24.57 -23.44
CA SER A 432 38.90 -24.79 -24.18
C SER A 432 39.69 -23.49 -24.34
N ILE A 433 39.01 -22.34 -24.34
CA ILE A 433 39.72 -21.07 -24.40
C ILE A 433 40.47 -20.81 -23.10
N ALA A 434 39.84 -21.09 -21.96
CA ALA A 434 40.51 -20.94 -20.68
C ALA A 434 41.69 -21.90 -20.56
N ALA A 435 41.58 -23.09 -21.14
CA ALA A 435 42.67 -24.06 -21.05
C ALA A 435 43.92 -23.55 -21.76
N GLU A 436 43.77 -23.14 -23.02
CA GLU A 436 44.91 -22.57 -23.75
C GLU A 436 45.39 -21.27 -23.11
N TRP A 437 44.48 -20.55 -22.45
CA TRP A 437 44.86 -19.29 -21.80
C TRP A 437 45.65 -19.55 -20.52
N LYS A 438 45.17 -20.46 -19.68
CA LYS A 438 45.73 -20.67 -18.36
C LYS A 438 46.68 -21.86 -18.29
N MET A 439 46.82 -22.63 -19.38
CA MET A 439 47.62 -23.85 -19.39
C MET A 439 47.12 -24.83 -18.32
N ILE A 440 45.81 -25.09 -18.34
CA ILE A 440 45.16 -25.95 -17.37
C ILE A 440 44.23 -26.91 -18.10
N GLU A 441 43.62 -27.81 -17.33
CA GLU A 441 42.70 -28.78 -17.89
C GLU A 441 41.35 -28.12 -18.17
N PRO A 442 40.68 -28.50 -19.25
CA PRO A 442 39.34 -27.92 -19.51
C PRO A 442 38.33 -28.22 -18.43
N GLU A 443 38.45 -29.36 -17.75
CA GLU A 443 37.49 -29.69 -16.71
C GLU A 443 37.68 -28.81 -15.48
N SER A 444 38.93 -28.44 -15.17
CA SER A 444 39.22 -27.62 -14.00
C SER A 444 38.65 -26.21 -14.13
N VAL A 445 38.13 -25.82 -15.30
CA VAL A 445 37.60 -24.48 -15.48
C VAL A 445 36.26 -24.36 -14.76
N GLY A 446 36.21 -23.50 -13.75
CA GLY A 446 34.97 -23.18 -13.09
C GLY A 446 34.16 -22.15 -13.88
N ASP A 447 32.97 -21.84 -13.37
CA ASP A 447 32.06 -20.98 -14.12
C ASP A 447 32.60 -19.55 -14.20
N ASP A 448 33.20 -19.06 -13.13
CA ASP A 448 33.78 -17.71 -13.16
C ASP A 448 34.86 -17.59 -14.23
N LEU A 449 35.76 -18.57 -14.28
CA LEU A 449 36.78 -18.58 -15.32
C LEU A 449 36.16 -18.77 -16.70
N ARG A 450 35.16 -19.65 -16.79
CA ARG A 450 34.48 -19.86 -18.06
C ARG A 450 33.81 -18.58 -18.54
N GLN A 451 33.19 -17.82 -17.62
CA GLN A 451 32.61 -16.54 -17.99
C GLN A 451 33.67 -15.57 -18.48
N GLN A 452 34.86 -15.60 -17.89
CA GLN A 452 35.95 -14.78 -18.40
C GLN A 452 36.32 -15.18 -19.81
N ALA A 453 36.41 -16.49 -20.07
CA ALA A 453 36.75 -16.96 -21.41
C ALA A 453 35.63 -16.70 -22.40
N LYS A 454 34.37 -16.69 -21.93
CA LYS A 454 33.25 -16.40 -22.81
C LYS A 454 33.33 -14.98 -23.34
N GLN A 455 33.57 -14.01 -22.45
CA GLN A 455 33.70 -12.62 -22.90
C GLN A 455 34.94 -12.42 -23.76
N ILE A 456 36.00 -13.18 -23.48
CA ILE A 456 37.17 -13.16 -24.36
C ILE A 456 36.82 -13.68 -25.75
N CYS A 457 36.01 -14.74 -25.80
CA CYS A 457 35.63 -15.34 -27.08
C CYS A 457 34.84 -14.35 -27.93
N TYR A 458 33.69 -13.90 -27.43
CA TYR A 458 32.87 -12.99 -28.21
C TYR A 458 33.54 -11.64 -28.40
N GLY A 459 34.39 -11.22 -27.46
CA GLY A 459 35.12 -9.99 -27.63
C GLY A 459 36.03 -10.01 -28.85
N ILE A 460 36.87 -11.04 -28.95
CA ILE A 460 37.77 -11.18 -30.09
C ILE A 460 36.96 -11.30 -31.38
N ILE A 461 35.90 -12.12 -31.37
CA ILE A 461 35.08 -12.32 -32.56
C ILE A 461 34.49 -11.00 -33.05
N TYR A 462 34.04 -10.15 -32.12
CA TYR A 462 33.37 -8.91 -32.47
C TYR A 462 34.29 -7.69 -32.42
N GLY A 463 35.60 -7.89 -32.55
CA GLY A 463 36.51 -6.80 -32.84
C GLY A 463 37.28 -6.20 -31.68
N MET A 464 37.55 -6.96 -30.63
CA MET A 464 38.25 -6.42 -29.47
C MET A 464 39.72 -6.21 -29.81
N GLY A 465 40.27 -5.09 -29.34
CA GLY A 465 41.67 -4.79 -29.56
C GLY A 465 42.59 -5.56 -28.63
N ALA A 466 43.90 -5.45 -28.90
CA ALA A 466 44.87 -6.20 -28.11
C ALA A 466 45.15 -5.54 -26.76
N LYS A 467 45.02 -4.22 -26.66
CA LYS A 467 45.22 -3.55 -25.38
C LYS A 467 44.17 -4.00 -24.38
N SER A 468 42.90 -4.03 -24.80
CA SER A 468 41.82 -4.47 -23.91
C SER A 468 41.90 -5.96 -23.64
N LEU A 469 42.22 -6.76 -24.68
CA LEU A 469 42.38 -8.19 -24.48
C LEU A 469 43.53 -8.49 -23.52
N GLY A 470 44.59 -7.68 -23.55
CA GLY A 470 45.67 -7.86 -22.60
C GLY A 470 45.28 -7.49 -21.18
N GLU A 471 44.45 -6.46 -21.03
CA GLU A 471 43.96 -6.09 -19.71
C GLU A 471 42.98 -7.12 -19.17
N GLN A 472 42.29 -7.84 -20.05
CA GLN A 472 41.39 -8.90 -19.60
C GLN A 472 42.12 -10.21 -19.34
N MET A 473 43.27 -10.44 -19.97
CA MET A 473 44.01 -11.68 -19.81
C MET A 473 45.19 -11.56 -18.86
N GLY A 474 45.47 -10.36 -18.34
CA GLY A 474 46.62 -10.18 -17.48
C GLY A 474 47.94 -10.25 -18.20
N ILE A 475 47.96 -9.96 -19.51
CA ILE A 475 49.18 -9.96 -20.30
C ILE A 475 49.30 -8.61 -21.00
N LYS A 476 50.44 -8.39 -21.62
CA LYS A 476 50.70 -7.13 -22.29
C LYS A 476 50.15 -7.15 -23.72
N GLU A 477 50.05 -5.96 -24.31
CA GLU A 477 49.29 -5.79 -25.54
C GLU A 477 49.83 -6.66 -26.67
N ASN A 478 51.15 -6.84 -26.74
CA ASN A 478 51.73 -7.57 -27.86
C ASN A 478 51.50 -9.08 -27.74
N ASP A 479 51.53 -9.62 -26.52
CA ASP A 479 51.22 -11.04 -26.33
C ASP A 479 49.75 -11.32 -26.61
N ALA A 480 48.87 -10.37 -26.28
CA ALA A 480 47.46 -10.53 -26.62
C ALA A 480 47.24 -10.43 -28.13
N ALA A 481 48.07 -9.65 -28.82
CA ALA A 481 47.94 -9.56 -30.28
C ALA A 481 48.18 -10.90 -30.94
N CYS A 482 49.04 -11.74 -30.35
CA CYS A 482 49.28 -13.07 -30.90
C CYS A 482 48.02 -13.93 -30.83
N TYR A 483 47.23 -13.79 -29.76
CA TYR A 483 45.99 -14.54 -29.65
C TYR A 483 44.99 -14.08 -30.72
N ILE A 484 44.89 -12.77 -30.94
CA ILE A 484 43.99 -12.25 -31.96
C ILE A 484 44.44 -12.72 -33.35
N ASP A 485 45.73 -12.56 -33.64
CA ASP A 485 46.26 -12.98 -34.95
C ASP A 485 46.07 -14.47 -35.18
N SER A 486 46.18 -15.28 -34.12
CA SER A 486 45.97 -16.72 -34.27
C SER A 486 44.53 -17.05 -34.60
N PHE A 487 43.58 -16.35 -33.96
CA PHE A 487 42.16 -16.58 -34.25
C PHE A 487 41.85 -16.28 -35.71
N LYS A 488 42.34 -15.16 -36.23
CA LYS A 488 42.12 -14.83 -37.63
C LYS A 488 42.73 -15.87 -38.55
N SER A 489 43.90 -16.40 -38.18
CA SER A 489 44.52 -17.44 -38.99
C SER A 489 43.71 -18.73 -38.97
N ARG A 490 43.22 -19.11 -37.78
CA ARG A 490 42.47 -20.36 -37.66
C ARG A 490 41.10 -20.26 -38.33
N TYR A 491 40.47 -19.09 -38.27
CA TYR A 491 39.08 -18.93 -38.68
C TYR A 491 39.01 -17.88 -39.80
N THR A 492 39.45 -18.28 -40.99
CA THR A 492 39.43 -17.38 -42.14
C THR A 492 38.05 -17.21 -42.74
N GLY A 493 37.18 -18.22 -42.60
CA GLY A 493 35.81 -18.07 -43.04
C GLY A 493 35.07 -17.00 -42.24
N ILE A 494 35.31 -16.96 -40.93
CA ILE A 494 34.73 -15.90 -40.11
C ILE A 494 35.33 -14.55 -40.47
N ASN A 495 36.65 -14.50 -40.68
CA ASN A 495 37.30 -13.24 -40.97
C ASN A 495 36.86 -12.66 -42.31
N GLN A 496 36.54 -13.52 -43.27
CA GLN A 496 36.07 -13.02 -44.57
C GLN A 496 34.62 -12.58 -44.50
N PHE A 497 33.80 -13.21 -43.65
CA PHE A 497 32.46 -12.70 -43.41
C PHE A 497 32.49 -11.31 -42.78
N MET A 498 33.47 -11.05 -41.92
CA MET A 498 33.59 -9.73 -41.31
C MET A 498 34.05 -8.70 -42.33
N THR A 499 35.03 -9.05 -43.16
CA THR A 499 35.46 -8.15 -44.22
C THR A 499 34.34 -7.85 -45.19
N GLU A 500 33.56 -8.87 -45.56
CA GLU A 500 32.47 -8.67 -46.51
C GLU A 500 31.34 -7.86 -45.89
N THR A 501 31.08 -8.05 -44.60
CA THR A 501 30.01 -7.30 -43.94
C THR A 501 30.33 -5.82 -43.86
N VAL A 502 31.57 -5.48 -43.47
CA VAL A 502 31.97 -4.08 -43.40
C VAL A 502 31.89 -3.44 -44.78
N LYS A 503 32.26 -4.18 -45.82
CA LYS A 503 32.22 -3.64 -47.17
C LYS A 503 30.79 -3.35 -47.62
N ASN A 504 29.86 -4.29 -47.36
CA ASN A 504 28.48 -4.09 -47.79
C ASN A 504 27.78 -3.03 -46.95
N CYS A 505 28.22 -2.83 -45.70
CA CYS A 505 27.64 -1.76 -44.88
C CYS A 505 28.14 -0.40 -45.30
N LYS A 506 29.40 -0.30 -45.74
CA LYS A 506 29.90 0.96 -46.28
C LYS A 506 29.19 1.31 -47.59
N ARG A 507 28.70 0.31 -48.32
CA ARG A 507 28.00 0.58 -49.57
C ARG A 507 26.53 0.87 -49.36
N ASP A 508 25.87 0.13 -48.48
CA ASP A 508 24.43 0.27 -48.27
C ASP A 508 24.06 1.27 -47.20
N GLY A 509 24.96 1.58 -46.28
CA GLY A 509 24.64 2.40 -45.14
C GLY A 509 23.92 1.68 -44.02
N PHE A 510 23.73 0.37 -44.14
CA PHE A 510 23.02 -0.41 -43.15
C PHE A 510 23.48 -1.87 -43.22
N VAL A 511 23.02 -2.66 -42.25
CA VAL A 511 23.14 -4.11 -42.30
C VAL A 511 21.76 -4.69 -42.07
N GLN A 512 21.60 -5.97 -42.42
CA GLN A 512 20.32 -6.65 -42.35
C GLN A 512 20.41 -7.90 -41.49
N THR A 513 19.32 -8.17 -40.77
CA THR A 513 19.20 -9.41 -40.01
C THR A 513 18.59 -10.47 -40.91
N ILE A 514 18.39 -11.67 -40.33
CA ILE A 514 17.90 -12.80 -41.12
C ILE A 514 16.49 -12.54 -41.64
N LEU A 515 15.72 -11.70 -40.95
CA LEU A 515 14.34 -11.39 -41.36
C LEU A 515 14.25 -10.18 -42.27
N GLY A 516 15.35 -9.48 -42.54
CA GLY A 516 15.33 -8.30 -43.38
C GLY A 516 15.32 -6.98 -42.66
N ARG A 517 15.23 -6.97 -41.34
CA ARG A 517 15.28 -5.72 -40.59
C ARG A 517 16.62 -5.04 -40.82
N ARG A 518 16.59 -3.72 -40.96
CA ARG A 518 17.79 -2.94 -41.24
C ARG A 518 18.16 -2.07 -40.05
N ARG A 519 19.46 -2.01 -39.76
CA ARG A 519 20.01 -1.05 -38.80
C ARG A 519 20.97 -0.14 -39.55
N TYR A 520 20.71 1.16 -39.47
CA TYR A 520 21.47 2.14 -40.24
C TYR A 520 22.67 2.61 -39.42
N LEU A 521 23.84 2.57 -40.04
CA LEU A 521 25.11 2.87 -39.37
C LEU A 521 25.87 3.89 -40.21
N PRO A 522 25.47 5.16 -40.18
CA PRO A 522 26.16 6.17 -40.99
C PRO A 522 27.63 6.36 -40.64
N GLY A 523 28.05 5.97 -39.43
CA GLY A 523 29.45 6.09 -39.06
C GLY A 523 30.38 5.16 -39.80
N ILE A 524 29.83 4.25 -40.62
CA ILE A 524 30.66 3.32 -41.38
C ILE A 524 31.55 4.08 -42.36
N LYS A 525 31.12 5.27 -42.79
CA LYS A 525 31.86 6.10 -43.74
C LYS A 525 32.50 7.31 -43.07
N ASP A 526 32.62 7.29 -41.74
CA ASP A 526 33.25 8.39 -41.02
C ASP A 526 34.76 8.35 -41.21
N ASN A 527 35.38 9.53 -41.15
CA ASN A 527 36.83 9.62 -41.29
C ASN A 527 37.56 9.45 -39.96
N ASN A 528 36.93 9.85 -38.86
CA ASN A 528 37.50 9.63 -37.54
C ASN A 528 37.63 8.14 -37.29
N PRO A 529 38.84 7.62 -37.06
CA PRO A 529 39.00 6.16 -36.95
C PRO A 529 38.26 5.54 -35.77
N TYR A 530 37.97 6.31 -34.73
CA TYR A 530 37.20 5.78 -33.61
C TYR A 530 35.74 5.54 -34.01
N ARG A 531 35.12 6.52 -34.67
CA ARG A 531 33.74 6.38 -35.09
C ARG A 531 33.59 5.30 -36.16
N LYS A 532 34.56 5.21 -37.07
CA LYS A 532 34.47 4.25 -38.16
C LYS A 532 34.53 2.81 -37.64
N ALA A 533 35.51 2.53 -36.78
CA ALA A 533 35.66 1.17 -36.25
C ALA A 533 34.46 0.76 -35.41
N HIS A 534 33.91 1.71 -34.63
CA HIS A 534 32.73 1.42 -33.83
C HIS A 534 31.57 0.96 -34.71
N ALA A 535 31.33 1.66 -35.83
CA ALA A 535 30.28 1.26 -36.74
C ALA A 535 30.60 -0.08 -37.40
N GLU A 536 31.88 -0.33 -37.71
CA GLU A 536 32.26 -1.61 -38.31
C GLU A 536 31.97 -2.76 -37.37
N ARG A 537 32.26 -2.60 -36.08
CA ARG A 537 31.99 -3.65 -35.11
C ARG A 537 30.49 -3.80 -34.87
N GLN A 538 29.76 -2.67 -34.87
CA GLN A 538 28.30 -2.75 -34.77
C GLN A 538 27.70 -3.49 -35.94
N ALA A 539 28.25 -3.28 -37.15
CA ALA A 539 27.70 -3.91 -38.35
C ALA A 539 27.78 -5.43 -38.25
N ILE A 540 28.93 -5.95 -37.86
CA ILE A 540 29.11 -7.39 -37.76
C ILE A 540 28.27 -7.96 -36.62
N ASN A 541 28.26 -7.27 -35.46
CA ASN A 541 27.56 -7.80 -34.30
C ASN A 541 26.05 -7.73 -34.49
N THR A 542 25.54 -6.66 -35.10
CA THR A 542 24.10 -6.52 -35.27
C THR A 542 23.53 -7.63 -36.14
N ILE A 543 24.25 -8.02 -37.19
CA ILE A 543 23.75 -9.08 -38.07
C ILE A 543 23.60 -10.38 -37.28
N VAL A 544 24.59 -10.73 -36.47
CA VAL A 544 24.55 -11.99 -35.74
C VAL A 544 23.58 -11.89 -34.55
N GLN A 545 23.80 -10.91 -33.67
CA GLN A 545 22.95 -10.77 -32.49
C GLN A 545 21.51 -10.45 -32.89
N GLY A 546 21.33 -9.60 -33.91
CA GLY A 546 19.98 -9.28 -34.35
C GLY A 546 19.26 -10.46 -34.98
N SER A 547 19.99 -11.33 -35.66
CA SER A 547 19.38 -12.54 -36.21
C SER A 547 19.02 -13.53 -35.10
N ALA A 548 19.89 -13.64 -34.09
CA ALA A 548 19.56 -14.45 -32.92
C ALA A 548 18.27 -13.97 -32.26
N ALA A 549 18.08 -12.65 -32.18
CA ALA A 549 16.86 -12.11 -31.61
C ALA A 549 15.65 -12.43 -32.46
N ASP A 550 15.81 -12.40 -33.79
CA ASP A 550 14.72 -12.78 -34.69
C ASP A 550 14.27 -14.21 -34.44
N ILE A 551 15.22 -15.15 -34.39
CA ILE A 551 14.88 -16.56 -34.25
C ILE A 551 14.14 -16.82 -32.95
N VAL A 552 14.59 -16.20 -31.85
CA VAL A 552 13.93 -16.41 -30.57
C VAL A 552 12.51 -15.85 -30.60
N LYS A 553 12.30 -14.73 -31.30
CA LYS A 553 10.97 -14.17 -31.43
C LYS A 553 10.05 -15.09 -32.24
N ILE A 554 10.55 -15.59 -33.37
CA ILE A 554 9.79 -16.54 -34.17
C ILE A 554 9.41 -17.76 -33.34
N ALA A 555 10.36 -18.27 -32.54
CA ALA A 555 10.07 -19.44 -31.72
C ALA A 555 9.04 -19.12 -30.64
N THR A 556 9.15 -17.95 -30.01
CA THR A 556 8.18 -17.57 -28.98
C THR A 556 6.78 -17.48 -29.55
N VAL A 557 6.64 -16.87 -30.73
CA VAL A 557 5.33 -16.73 -31.36
C VAL A 557 4.78 -18.09 -31.75
N ASN A 558 5.62 -18.94 -32.34
CA ASN A 558 5.13 -20.24 -32.80
C ASN A 558 4.78 -21.15 -31.63
N ILE A 559 5.52 -21.06 -30.53
CA ILE A 559 5.20 -21.85 -29.35
C ILE A 559 3.83 -21.45 -28.81
N GLN A 560 3.56 -20.15 -28.74
CA GLN A 560 2.29 -19.68 -28.20
C GLN A 560 1.13 -20.07 -29.10
N LYS A 561 1.34 -20.05 -30.42
CA LYS A 561 0.30 -20.48 -31.35
C LYS A 561 -0.03 -21.95 -31.13
N GLN A 562 0.97 -22.77 -30.81
CA GLN A 562 0.73 -24.20 -30.58
C GLN A 562 0.12 -24.47 -29.22
N LEU A 563 0.47 -23.70 -28.20
CA LEU A 563 -0.10 -23.91 -26.87
C LEU A 563 -1.59 -23.57 -26.84
N GLU A 564 -2.03 -22.63 -27.69
CA GLU A 564 -3.43 -22.22 -27.70
C GLU A 564 -4.31 -23.12 -28.54
N THR A 565 -3.73 -24.08 -29.27
CA THR A 565 -4.55 -25.08 -29.95
C THR A 565 -5.16 -26.07 -28.97
N PHE A 566 -4.64 -26.14 -27.75
CA PHE A 566 -5.15 -27.04 -26.72
C PHE A 566 -6.19 -26.29 -25.89
N HIS A 567 -7.41 -26.83 -25.85
CA HIS A 567 -8.51 -26.14 -25.18
C HIS A 567 -8.26 -26.01 -23.68
N SER A 568 -7.51 -26.94 -23.09
CA SER A 568 -7.22 -26.87 -21.67
C SER A 568 -6.35 -25.68 -21.30
N THR A 569 -5.68 -25.08 -22.27
CA THR A 569 -4.72 -24.01 -22.00
C THR A 569 -5.42 -22.69 -21.74
N PHE A 570 -4.90 -21.94 -20.78
CA PHE A 570 -5.27 -20.55 -20.57
C PHE A 570 -4.23 -19.65 -21.22
N LYS A 571 -4.66 -18.48 -21.70
CA LYS A 571 -3.72 -17.56 -22.32
C LYS A 571 -2.73 -17.02 -21.30
N SER A 572 -3.20 -16.69 -20.10
CA SER A 572 -2.33 -16.17 -19.07
C SER A 572 -3.04 -16.28 -17.72
N HIS A 573 -2.28 -16.07 -16.66
CA HIS A 573 -2.87 -15.99 -15.33
C HIS A 573 -3.89 -14.85 -15.26
N GLY A 574 -3.67 -13.77 -16.01
CA GLY A 574 -4.63 -12.69 -16.03
C GLY A 574 -5.97 -13.09 -16.61
N HIS A 575 -5.98 -14.01 -17.57
CA HIS A 575 -7.22 -14.47 -18.16
C HIS A 575 -7.94 -15.44 -17.24
N ARG A 576 -7.24 -16.45 -16.73
CA ARG A 576 -7.88 -17.49 -15.93
C ARG A 576 -8.46 -16.92 -14.65
N GLU A 577 -7.80 -15.93 -14.05
CA GLU A 577 -8.28 -15.31 -12.83
C GLU A 577 -9.46 -14.36 -13.07
N GLY A 578 -9.85 -14.15 -14.32
CA GLY A 578 -11.08 -13.46 -14.64
C GLY A 578 -12.20 -14.43 -14.93
N MET A 579 -11.82 -15.62 -15.42
CA MET A 579 -12.76 -16.72 -15.62
C MET A 579 -13.03 -17.48 -14.32
N LEU A 580 -12.19 -17.30 -13.30
CA LEU A 580 -12.51 -17.78 -11.97
C LEU A 580 -13.45 -16.82 -11.24
N GLN A 581 -13.42 -15.54 -11.61
CA GLN A 581 -14.34 -14.55 -11.07
C GLN A 581 -15.66 -14.50 -11.82
N SER A 582 -15.74 -15.10 -13.00
CA SER A 582 -16.98 -15.18 -13.78
C SER A 582 -16.86 -16.19 -14.91
N GLY A 588 -13.05 -23.50 -10.21
CA GLY A 588 -13.39 -24.55 -11.14
C GLY A 588 -12.50 -24.58 -12.36
N CYS A 589 -11.24 -24.16 -12.19
CA CYS A 589 -10.25 -24.11 -13.27
C CYS A 589 -8.94 -24.70 -12.77
N PRO A 590 -8.74 -26.00 -12.93
CA PRO A 590 -7.43 -26.58 -12.62
C PRO A 590 -6.38 -25.99 -13.55
N ILE A 591 -5.22 -25.65 -12.97
CA ILE A 591 -4.16 -25.02 -13.76
C ILE A 591 -3.66 -26.00 -14.80
N ARG A 592 -3.52 -25.52 -16.04
CA ARG A 592 -3.08 -26.36 -17.15
C ARG A 592 -2.19 -25.53 -18.07
N GLY A 593 -1.36 -26.21 -18.84
CA GLY A 593 -0.56 -25.56 -19.86
C GLY A 593 0.71 -24.94 -19.31
N GLY A 594 1.37 -24.19 -20.19
CA GLY A 594 2.61 -23.51 -19.86
C GLY A 594 2.44 -22.01 -20.04
N PHE A 595 3.02 -21.24 -19.13
CA PHE A 595 2.86 -19.79 -19.10
C PHE A 595 4.22 -19.14 -19.31
N PHE A 596 4.32 -18.33 -20.37
CA PHE A 596 5.54 -17.59 -20.66
C PHE A 596 5.87 -16.65 -19.50
N ILE A 597 7.06 -16.81 -18.92
CA ILE A 597 7.45 -16.03 -17.74
C ILE A 597 8.71 -15.20 -17.94
N LEU A 598 9.60 -15.58 -18.86
CA LEU A 598 10.84 -14.83 -19.02
C LEU A 598 11.52 -15.22 -20.33
N GLN A 599 12.26 -14.26 -20.91
CA GLN A 599 13.08 -14.49 -22.08
C GLN A 599 14.50 -14.02 -21.79
N LEU A 600 15.48 -14.83 -22.20
CA LEU A 600 16.87 -14.61 -21.81
C LEU A 600 17.79 -14.59 -23.03
N HIS A 601 17.32 -13.98 -24.11
CA HIS A 601 18.11 -13.66 -25.30
C HIS A 601 18.44 -14.89 -26.16
N ASP A 602 18.74 -16.02 -25.53
CA ASP A 602 18.78 -17.27 -26.27
C ASP A 602 18.09 -18.40 -25.51
N GLU A 603 17.18 -18.06 -24.59
CA GLU A 603 16.56 -19.02 -23.71
C GLU A 603 15.16 -18.53 -23.34
N LEU A 604 14.21 -19.46 -23.23
CA LEU A 604 12.84 -19.16 -22.87
C LEU A 604 12.48 -19.90 -21.59
N LEU A 605 11.88 -19.19 -20.63
CA LEU A 605 11.39 -19.80 -19.40
C LEU A 605 9.87 -19.91 -19.47
N TYR A 606 9.34 -21.06 -19.02
CA TYR A 606 7.91 -21.27 -18.95
C TYR A 606 7.52 -21.83 -17.58
N GLU A 607 6.32 -21.46 -17.15
CA GLU A 607 5.72 -21.98 -15.93
C GLU A 607 4.63 -22.96 -16.37
N VAL A 608 4.85 -24.24 -16.11
CA VAL A 608 4.04 -25.30 -16.70
C VAL A 608 3.43 -26.16 -15.59
N ALA A 609 2.18 -26.56 -15.79
CA ALA A 609 1.53 -27.50 -14.88
C ALA A 609 2.11 -28.89 -15.07
N GLU A 610 2.07 -29.67 -13.99
CA GLU A 610 2.75 -30.96 -13.97
C GLU A 610 2.20 -31.91 -15.02
N GLU A 611 0.87 -31.89 -15.25
CA GLU A 611 0.30 -32.77 -16.26
C GLU A 611 0.89 -32.50 -17.63
N ASP A 612 1.13 -31.23 -17.96
CA ASP A 612 1.57 -30.82 -19.28
C ASP A 612 3.06 -30.49 -19.34
N VAL A 613 3.83 -30.89 -18.34
CA VAL A 613 5.27 -30.63 -18.35
C VAL A 613 5.93 -31.32 -19.54
N VAL A 614 5.47 -32.52 -19.87
CA VAL A 614 6.09 -33.24 -20.98
C VAL A 614 5.57 -32.76 -22.32
N GLN A 615 4.27 -32.45 -22.39
CA GLN A 615 3.69 -32.00 -23.66
C GLN A 615 4.25 -30.63 -24.05
N VAL A 616 4.29 -29.69 -23.11
CA VAL A 616 4.84 -28.37 -23.41
C VAL A 616 6.32 -28.47 -23.74
N ALA A 617 7.06 -29.34 -23.04
CA ALA A 617 8.49 -29.49 -23.32
C ALA A 617 8.73 -29.96 -24.74
N GLN A 618 7.88 -30.86 -25.24
CA GLN A 618 8.03 -31.32 -26.61
C GLN A 618 7.63 -30.25 -27.61
N ILE A 619 6.58 -29.48 -27.31
CA ILE A 619 6.15 -28.40 -28.18
C ILE A 619 7.23 -27.32 -28.26
N VAL A 620 7.83 -26.98 -27.11
CA VAL A 620 8.83 -25.92 -27.10
C VAL A 620 10.07 -26.33 -27.89
N LYS A 621 10.57 -27.54 -27.65
CA LYS A 621 11.78 -27.99 -28.32
C LYS A 621 11.59 -28.08 -29.83
N ASN A 622 10.45 -28.65 -30.27
CA ASN A 622 10.24 -28.84 -31.69
C ASN A 622 10.05 -27.51 -32.41
N GLU A 623 9.32 -26.57 -31.80
CA GLU A 623 9.12 -25.27 -32.43
C GLU A 623 10.39 -24.42 -32.41
N MET A 624 11.23 -24.60 -31.39
CA MET A 624 12.49 -23.87 -31.37
C MET A 624 13.47 -24.41 -32.41
N GLU A 625 13.58 -25.73 -32.52
CA GLU A 625 14.52 -26.34 -33.46
C GLU A 625 14.16 -26.07 -34.92
N SER A 626 12.92 -25.68 -35.20
CA SER A 626 12.47 -25.47 -36.57
C SER A 626 11.92 -24.05 -36.79
N ALA A 627 12.29 -23.10 -35.93
CA ALA A 627 11.85 -21.71 -36.11
C ALA A 627 12.32 -21.17 -37.46
N VAL A 628 13.60 -21.37 -37.78
CA VAL A 628 14.16 -21.04 -39.08
C VAL A 628 14.93 -22.26 -39.58
N LYS A 629 15.30 -22.22 -40.85
CA LYS A 629 16.10 -23.26 -41.47
C LYS A 629 17.46 -22.68 -41.83
N LEU A 630 18.50 -23.21 -41.20
CA LEU A 630 19.87 -22.78 -41.44
C LEU A 630 20.70 -23.96 -41.95
N SER A 631 21.85 -23.63 -42.53
CA SER A 631 22.81 -24.67 -42.92
C SER A 631 23.38 -25.41 -41.72
N VAL A 632 23.12 -24.93 -40.51
CA VAL A 632 23.50 -25.59 -39.27
C VAL A 632 22.24 -25.86 -38.45
N LYS A 633 22.16 -27.03 -37.84
CA LYS A 633 21.03 -27.36 -36.99
C LYS A 633 21.01 -26.48 -35.75
N LEU A 634 19.81 -26.12 -35.32
CA LEU A 634 19.62 -25.35 -34.08
C LEU A 634 19.44 -26.35 -32.94
N LYS A 635 20.48 -26.53 -32.13
CA LYS A 635 20.42 -27.45 -31.02
C LYS A 635 19.72 -26.80 -29.83
N VAL A 636 18.77 -27.51 -29.23
CA VAL A 636 17.95 -26.99 -28.15
C VAL A 636 18.00 -27.96 -26.98
N LYS A 637 18.23 -27.44 -25.78
CA LYS A 637 18.26 -28.25 -24.57
C LYS A 637 17.20 -27.74 -23.59
N VAL A 638 16.33 -28.66 -23.16
CA VAL A 638 15.25 -28.33 -22.23
C VAL A 638 15.65 -28.82 -20.83
N LYS A 639 15.47 -27.95 -19.85
CA LYS A 639 15.74 -28.28 -18.45
C LYS A 639 14.54 -27.87 -17.62
N ILE A 640 14.03 -28.79 -16.80
CA ILE A 640 12.91 -28.51 -15.92
C ILE A 640 13.36 -28.71 -14.48
N GLY A 641 12.75 -27.95 -13.57
CA GLY A 641 13.10 -28.03 -12.17
C GLY A 641 12.07 -27.29 -11.34
N ALA A 642 12.26 -27.37 -10.02
CA ALA A 642 11.36 -26.75 -9.06
C ALA A 642 11.67 -25.27 -8.84
N SER A 643 12.62 -24.71 -9.59
CA SER A 643 12.94 -23.28 -9.53
C SER A 643 13.87 -22.97 -10.70
N TRP A 644 13.99 -21.67 -10.98
CA TRP A 644 14.92 -21.21 -12.00
C TRP A 644 16.35 -21.62 -11.69
N GLY A 645 16.71 -21.65 -10.41
CA GLY A 645 18.05 -22.02 -9.99
C GLY A 645 18.29 -23.50 -9.80
N GLU A 646 17.24 -24.30 -9.77
CA GLU A 646 17.40 -25.74 -9.55
C GLU A 646 16.91 -26.53 -10.76
N LEU A 647 17.45 -26.21 -11.92
CA LEU A 647 17.04 -26.85 -13.17
C LEU A 647 17.86 -28.10 -13.42
N LYS A 648 17.18 -29.16 -13.85
CA LYS A 648 17.81 -30.42 -14.23
C LYS A 648 17.41 -30.76 -15.66
N ASP A 649 18.34 -31.39 -16.38
CA ASP A 649 18.09 -31.73 -17.78
C ASP A 649 16.86 -32.62 -17.91
N PHE A 650 16.09 -32.39 -18.97
CA PHE A 650 14.87 -33.14 -19.26
C PHE A 650 14.95 -33.59 -20.71
N ASP A 651 14.92 -34.91 -20.93
CA ASP A 651 15.28 -35.48 -22.22
C ASP A 651 14.27 -35.17 -23.32
N VAL A 652 13.03 -34.85 -22.95
CA VAL A 652 11.98 -34.51 -23.91
C VAL A 652 11.68 -35.67 -24.87
N SER D 6 -39.82 30.97 1.60
CA SER D 6 -40.27 31.62 2.83
C SER D 6 -40.09 30.70 4.04
N LEU D 7 -39.62 31.26 5.15
CA LEU D 7 -39.45 30.51 6.40
C LEU D 7 -40.84 30.24 6.97
N SER D 8 -41.52 29.26 6.39
CA SER D 8 -42.87 28.88 6.80
C SER D 8 -42.76 27.85 7.92
N ILE D 9 -43.09 28.28 9.15
CA ILE D 9 -43.22 27.35 10.27
C ILE D 9 -44.67 26.90 10.30
N ILE D 10 -44.93 25.70 9.79
CA ILE D 10 -46.28 25.16 9.71
C ILE D 10 -46.59 24.46 11.03
N ASP D 11 -47.42 25.10 11.86
CA ASP D 11 -47.84 24.51 13.12
C ASP D 11 -48.86 23.41 12.88
N VAL D 12 -48.37 22.17 12.76
CA VAL D 12 -49.23 21.08 12.30
C VAL D 12 -50.28 20.72 13.35
N ALA D 13 -49.96 20.88 14.62
CA ALA D 13 -50.90 20.54 15.68
C ALA D 13 -51.90 21.64 15.98
N SER D 14 -51.91 22.73 15.21
CA SER D 14 -52.87 23.81 15.47
C SER D 14 -54.27 23.41 15.03
N ASP D 15 -54.38 22.66 13.94
CA ASP D 15 -55.67 22.21 13.42
C ASP D 15 -55.60 20.72 13.15
N GLN D 16 -56.69 20.02 13.46
CA GLN D 16 -56.72 18.56 13.30
C GLN D 16 -56.50 18.17 11.85
N ASN D 17 -57.16 18.86 10.91
CA ASN D 17 -57.03 18.51 9.51
C ASN D 17 -55.63 18.84 8.98
N LEU D 18 -55.05 19.93 9.46
CA LEU D 18 -53.67 20.25 9.08
C LEU D 18 -52.70 19.20 9.62
N PHE D 19 -53.03 18.57 10.75
CA PHE D 19 -52.15 17.57 11.34
C PHE D 19 -52.15 16.28 10.53
N GLN D 20 -53.34 15.82 10.13
CA GLN D 20 -53.43 14.53 9.45
C GLN D 20 -52.75 14.56 8.10
N THR D 21 -52.91 15.66 7.35
CA THR D 21 -52.19 15.79 6.09
C THR D 21 -50.69 15.83 6.32
N PHE D 22 -50.25 16.40 7.45
CA PHE D 22 -48.84 16.37 7.80
C PHE D 22 -48.37 14.96 8.12
N ILE D 23 -49.18 14.20 8.85
CA ILE D 23 -48.84 12.80 9.13
C ILE D 23 -48.88 11.98 7.85
N LYS D 24 -49.83 12.28 6.97
CA LYS D 24 -49.91 11.57 5.69
C LYS D 24 -48.65 11.80 4.86
N GLU D 25 -48.18 13.04 4.79
CA GLU D 25 -46.98 13.34 4.01
C GLU D 25 -45.72 12.81 4.70
N TRP D 26 -45.62 12.99 6.01
CA TRP D 26 -44.43 12.56 6.75
C TRP D 26 -44.17 11.07 6.58
N ARG D 27 -45.24 10.27 6.50
CA ARG D 27 -45.08 8.82 6.37
C ARG D 27 -44.64 8.39 4.98
N CYS D 28 -44.81 9.25 3.97
CA CYS D 28 -44.27 8.98 2.65
C CYS D 28 -42.78 9.29 2.56
N LYS D 29 -42.23 10.00 3.55
CA LYS D 29 -40.88 10.53 3.46
C LYS D 29 -39.84 9.43 3.72
N LYS D 30 -39.01 9.17 2.72
CA LYS D 30 -37.86 8.30 2.84
C LYS D 30 -36.66 9.03 3.45
N ARG D 31 -36.70 10.35 3.51
CA ARG D 31 -35.63 11.15 4.09
C ARG D 31 -36.23 12.40 4.70
N PHE D 32 -35.84 12.71 5.94
CA PHE D 32 -36.28 13.95 6.59
C PHE D 32 -35.31 14.27 7.71
N SER D 33 -35.46 15.47 8.27
CA SER D 33 -34.65 15.91 9.40
C SER D 33 -35.57 16.25 10.56
N ILE D 34 -35.02 16.15 11.78
CA ILE D 34 -35.74 16.57 12.98
C ILE D 34 -34.81 17.41 13.84
N SER D 35 -35.43 18.20 14.72
CA SER D 35 -34.70 19.09 15.62
C SER D 35 -35.54 19.26 16.87
N LEU D 36 -35.04 18.75 18.00
CA LEU D 36 -35.79 18.82 19.26
C LEU D 36 -35.81 20.24 19.77
N ALA D 37 -37.00 20.78 20.00
CA ALA D 37 -37.14 22.10 20.60
C ALA D 37 -37.07 21.97 22.12
N CYS D 38 -36.12 22.67 22.74
CA CYS D 38 -35.90 22.60 24.18
C CYS D 38 -35.92 24.01 24.75
N GLU D 39 -36.92 24.30 25.59
CA GLU D 39 -37.01 25.55 26.31
C GLU D 39 -36.93 25.26 27.81
N LYS D 40 -36.39 26.21 28.56
CA LYS D 40 -36.20 26.01 29.98
C LYS D 40 -37.42 26.50 30.76
N ILE D 41 -37.46 26.17 32.05
CA ILE D 41 -38.53 26.58 32.95
C ILE D 41 -37.88 27.06 34.25
N ARG D 42 -38.71 27.65 35.11
CA ARG D 42 -38.24 28.16 36.40
C ARG D 42 -37.62 27.07 37.27
N GLY D 45 -33.46 29.60 35.94
CA GLY D 45 -34.28 28.42 35.72
C GLY D 45 -33.51 27.10 35.72
N ASP D 46 -32.53 27.02 34.83
CA ASP D 46 -31.62 25.87 34.63
C ASP D 46 -32.35 24.54 34.50
N ASP D 47 -33.66 24.55 34.20
CA ASP D 47 -34.45 23.34 34.09
C ASP D 47 -34.98 23.23 32.66
N THR D 48 -34.35 22.40 31.84
CA THR D 48 -34.75 22.25 30.45
C THR D 48 -36.03 21.45 30.34
N LEU D 49 -36.60 21.45 29.14
CA LEU D 49 -37.87 20.77 28.86
C LEU D 49 -38.06 20.70 27.35
N VAL D 50 -38.51 19.54 26.87
CA VAL D 50 -38.83 19.37 25.46
C VAL D 50 -40.22 19.94 25.20
N VAL D 51 -40.28 21.07 24.52
CA VAL D 51 -41.56 21.70 24.20
C VAL D 51 -42.14 21.15 22.89
N GLY D 52 -41.29 20.75 21.96
CA GLY D 52 -41.78 20.16 20.73
C GLY D 52 -40.61 19.72 19.87
N LEU D 53 -40.88 19.58 18.57
CA LEU D 53 -39.83 19.27 17.62
C LEU D 53 -40.28 19.66 16.23
N ALA D 54 -39.31 20.05 15.40
CA ALA D 54 -39.58 20.48 14.04
C ALA D 54 -39.10 19.41 13.06
N VAL D 55 -39.84 19.27 11.97
CA VAL D 55 -39.51 18.34 10.90
C VAL D 55 -39.33 19.12 9.62
N CYS D 56 -38.38 18.70 8.79
CA CYS D 56 -38.16 19.28 7.48
C CYS D 56 -37.78 18.16 6.51
N TRP D 57 -38.43 18.13 5.34
CA TRP D 57 -38.10 17.17 4.31
C TRP D 57 -37.87 17.84 2.96
N GLY D 58 -37.52 19.11 2.95
CA GLY D 58 -37.20 19.82 1.71
C GLY D 58 -37.57 21.29 1.80
N GLY D 59 -36.86 22.08 0.99
CA GLY D 59 -37.18 23.50 0.87
C GLY D 59 -36.93 24.27 2.17
N ARG D 60 -37.69 25.36 2.34
CA ARG D 60 -37.61 26.20 3.52
C ARG D 60 -38.88 26.10 4.37
N ASP D 61 -39.51 24.92 4.36
CA ASP D 61 -40.70 24.67 5.16
C ASP D 61 -40.34 23.83 6.38
N ALA D 62 -40.69 24.33 7.56
CA ALA D 62 -40.48 23.61 8.81
C ALA D 62 -41.84 23.34 9.43
N TYR D 63 -42.11 22.06 9.72
CA TYR D 63 -43.34 21.65 10.37
C TYR D 63 -43.04 21.48 11.85
N TYR D 64 -43.61 22.35 12.68
CA TYR D 64 -43.38 22.30 14.11
C TYR D 64 -44.41 21.38 14.76
N PHE D 65 -43.93 20.26 15.31
CA PHE D 65 -44.76 19.31 16.03
C PHE D 65 -44.75 19.73 17.50
N SER D 66 -45.79 20.46 17.91
CA SER D 66 -45.86 20.91 19.30
C SER D 66 -46.24 19.76 20.23
N LEU D 67 -45.58 19.68 21.37
CA LEU D 67 -45.77 18.60 22.32
C LEU D 67 -46.08 19.13 23.71
N GLY D 68 -46.87 20.19 23.79
CA GLY D 68 -47.30 20.75 25.06
C GLY D 68 -48.73 21.24 24.98
N GLY D 69 -49.19 21.82 26.08
CA GLY D 69 -50.49 22.45 26.10
C GLY D 69 -50.38 23.91 25.70
N SER D 70 -49.88 24.17 24.48
CA SER D 70 -49.58 25.54 24.07
C SER D 70 -50.82 26.42 24.09
N GLY D 71 -52.00 25.85 23.81
CA GLY D 71 -53.24 26.60 23.80
C GLY D 71 -53.70 27.05 22.44
N GLY D 72 -52.81 27.04 21.44
CA GLY D 72 -53.20 27.34 20.08
C GLY D 72 -53.33 26.07 19.28
N LEU D 73 -53.41 24.94 19.98
CA LEU D 73 -53.52 23.63 19.36
C LEU D 73 -54.96 23.12 19.48
N ASP D 74 -55.36 22.33 18.49
CA ASP D 74 -56.68 21.71 18.51
C ASP D 74 -56.78 20.78 19.70
N PRO D 75 -57.71 21.00 20.64
CA PRO D 75 -57.79 20.13 21.83
C PRO D 75 -58.14 18.69 21.50
N SER D 76 -58.73 18.43 20.33
CA SER D 76 -59.01 17.06 19.91
C SER D 76 -57.72 16.26 19.78
N LEU D 77 -56.62 16.93 19.47
CA LEU D 77 -55.30 16.30 19.42
C LEU D 77 -54.70 16.34 20.82
N THR D 78 -55.02 15.33 21.63
CA THR D 78 -54.47 15.24 22.97
C THR D 78 -52.97 14.95 22.89
N LEU D 79 -52.30 15.11 24.03
CA LEU D 79 -50.87 14.81 24.08
C LEU D 79 -50.60 13.35 23.80
N LYS D 80 -51.46 12.45 24.32
CA LYS D 80 -51.27 11.03 24.06
C LYS D 80 -51.47 10.70 22.59
N ASP D 81 -52.45 11.34 21.95
CA ASP D 81 -52.62 11.17 20.51
C ASP D 81 -51.39 11.62 19.75
N ARG D 82 -50.88 12.81 20.08
CA ARG D 82 -49.70 13.32 19.39
C ARG D 82 -48.47 12.48 19.67
N MET D 83 -48.36 11.92 20.87
CA MET D 83 -47.23 11.04 21.15
C MET D 83 -47.32 9.75 20.37
N TRP D 84 -48.53 9.23 20.14
CA TRP D 84 -48.68 8.02 19.34
C TRP D 84 -48.20 8.24 17.91
N TYR D 85 -48.63 9.33 17.28
CA TYR D 85 -48.18 9.63 15.92
C TYR D 85 -46.70 9.94 15.87
N LEU D 86 -46.16 10.54 16.92
CA LEU D 86 -44.74 10.86 16.95
C LEU D 86 -43.90 9.57 16.99
N GLN D 87 -44.24 8.65 17.89
CA GLN D 87 -43.51 7.38 17.94
C GLN D 87 -43.78 6.55 16.69
N SER D 88 -44.95 6.71 16.08
CA SER D 88 -45.28 5.94 14.89
C SER D 88 -44.40 6.35 13.71
N CYS D 89 -44.10 7.65 13.59
CA CYS D 89 -43.29 8.13 12.47
C CYS D 89 -41.80 8.01 12.72
N LEU D 90 -41.37 7.99 13.98
CA LEU D 90 -39.96 7.89 14.31
C LEU D 90 -39.47 6.46 14.47
N ARG D 91 -40.34 5.48 14.30
CA ARG D 91 -39.97 4.08 14.36
C ARG D 91 -40.21 3.41 13.01
N LYS D 92 -39.38 2.42 12.70
CA LYS D 92 -39.38 1.81 11.39
C LYS D 92 -40.45 0.75 11.25
N GLU D 93 -40.86 0.50 10.01
CA GLU D 93 -41.71 -0.62 9.67
C GLU D 93 -40.90 -1.88 9.40
N SER D 94 -39.59 -1.84 9.66
CA SER D 94 -38.65 -2.93 9.38
C SER D 94 -38.62 -3.30 7.89
N ASP D 95 -39.13 -2.41 7.04
CA ASP D 95 -39.17 -2.62 5.61
C ASP D 95 -38.80 -1.34 4.89
N LYS D 96 -39.56 -0.28 5.13
CA LYS D 96 -39.28 1.03 4.54
C LYS D 96 -38.03 1.61 5.18
N GLU D 97 -36.93 1.64 4.43
CA GLU D 97 -35.72 2.28 4.92
C GLU D 97 -35.91 3.78 4.96
N CYS D 98 -35.58 4.39 6.10
CA CYS D 98 -35.82 5.80 6.32
C CYS D 98 -34.62 6.40 7.03
N SER D 99 -34.04 7.45 6.45
CA SER D 99 -32.90 8.14 7.03
C SER D 99 -33.35 9.45 7.66
N VAL D 100 -32.90 9.70 8.89
CA VAL D 100 -33.28 10.89 9.65
C VAL D 100 -32.03 11.70 9.92
N VAL D 101 -32.09 13.00 9.58
CA VAL D 101 -30.96 13.90 9.77
C VAL D 101 -31.13 14.59 11.11
N ILE D 102 -30.17 14.40 12.01
CA ILE D 102 -30.20 15.02 13.33
C ILE D 102 -28.84 15.61 13.61
N TYR D 103 -28.79 16.93 13.85
CA TYR D 103 -27.57 17.55 14.33
C TYR D 103 -27.35 17.17 15.79
N ASP D 104 -26.14 16.69 16.09
CA ASP D 104 -25.79 16.15 17.41
C ASP D 104 -26.73 14.98 17.75
N PHE D 105 -26.57 13.91 16.96
CA PHE D 105 -27.47 12.77 17.06
C PHE D 105 -27.41 12.12 18.43
N ILE D 106 -26.21 12.00 19.00
CA ILE D 106 -26.06 11.33 20.29
C ILE D 106 -26.88 12.04 21.37
N GLN D 107 -26.74 13.36 21.45
CA GLN D 107 -27.46 14.11 22.49
C GLN D 107 -28.95 14.19 22.22
N SER D 108 -29.38 14.03 20.96
CA SER D 108 -30.80 14.01 20.67
C SER D 108 -31.42 12.62 20.82
N TYR D 109 -30.65 11.56 20.54
CA TYR D 109 -31.13 10.21 20.82
C TYR D 109 -31.37 10.02 22.30
N LYS D 110 -30.58 10.68 23.15
CA LYS D 110 -30.70 10.50 24.60
C LYS D 110 -31.82 11.37 25.16
N ILE D 111 -31.99 12.59 24.65
CA ILE D 111 -33.08 13.44 25.12
C ILE D 111 -34.43 12.88 24.69
N LEU D 112 -34.51 12.27 23.51
CA LEU D 112 -35.76 11.66 23.08
C LEU D 112 -36.11 10.45 23.94
N LEU D 113 -35.10 9.64 24.30
CA LEU D 113 -35.35 8.43 25.07
C LEU D 113 -35.77 8.77 26.50
N LEU D 114 -35.10 9.74 27.12
CA LEU D 114 -35.28 10.02 28.54
C LEU D 114 -36.32 11.09 28.83
N SER D 115 -36.64 11.96 27.87
CA SER D 115 -37.65 13.00 28.07
C SER D 115 -38.95 12.72 27.35
N CYS D 116 -38.93 11.93 26.27
CA CYS D 116 -40.13 11.61 25.51
C CYS D 116 -40.43 10.13 25.46
N GLY D 117 -39.57 9.28 26.03
CA GLY D 117 -39.82 7.85 26.02
C GLY D 117 -39.81 7.22 24.65
N ILE D 118 -39.14 7.85 23.68
CA ILE D 118 -39.08 7.35 22.32
C ILE D 118 -37.67 6.87 22.04
N SER D 119 -37.53 5.59 21.71
CA SER D 119 -36.26 5.03 21.29
C SER D 119 -36.23 5.07 19.77
N LEU D 120 -35.43 5.98 19.22
CA LEU D 120 -35.32 6.12 17.77
C LEU D 120 -34.94 4.79 17.14
N GLU D 121 -35.73 4.38 16.14
CA GLU D 121 -35.52 3.11 15.43
C GLU D 121 -35.54 3.40 13.93
N GLN D 122 -34.42 3.85 13.40
CA GLN D 122 -34.26 4.16 11.98
C GLN D 122 -32.76 4.33 11.70
N SER D 123 -32.44 4.74 10.48
CA SER D 123 -31.08 5.09 10.11
C SER D 123 -30.87 6.58 10.32
N TYR D 124 -29.67 6.93 10.79
CA TYR D 124 -29.39 8.29 11.25
C TYR D 124 -28.26 8.92 10.46
N GLU D 125 -28.32 10.25 10.35
CA GLU D 125 -27.29 11.02 9.68
C GLU D 125 -27.04 12.29 10.48
N ASP D 126 -25.82 12.45 10.99
CA ASP D 126 -25.41 13.64 11.72
C ASP D 126 -24.48 14.47 10.85
N PRO D 127 -24.87 15.67 10.45
CA PRO D 127 -23.95 16.50 9.64
C PRO D 127 -22.63 16.78 10.32
N LYS D 128 -22.59 16.76 11.66
CA LYS D 128 -21.32 16.93 12.36
C LYS D 128 -20.36 15.79 12.03
N VAL D 129 -20.87 14.55 11.98
CA VAL D 129 -20.03 13.41 11.64
C VAL D 129 -19.58 13.51 10.19
N ALA D 130 -20.46 13.98 9.31
CA ALA D 130 -20.09 14.14 7.90
C ALA D 130 -18.93 15.13 7.75
N CYS D 131 -18.98 16.24 8.48
CA CYS D 131 -17.90 17.22 8.41
C CYS D 131 -16.58 16.62 8.85
N TRP D 132 -16.58 15.83 9.93
CA TRP D 132 -15.35 15.21 10.39
C TRP D 132 -14.84 14.18 9.38
N LEU D 133 -15.75 13.43 8.76
CA LEU D 133 -15.35 12.41 7.80
C LEU D 133 -14.65 13.04 6.60
N LEU D 134 -15.08 14.23 6.19
CA LEU D 134 -14.47 14.88 5.04
C LEU D 134 -13.10 15.45 5.38
N ASP D 135 -12.87 15.82 6.65
CA ASP D 135 -11.60 16.39 7.06
C ASP D 135 -11.41 16.19 8.56
N PRO D 136 -10.66 15.16 8.98
CA PRO D 136 -10.54 14.88 10.41
C PRO D 136 -9.82 15.97 11.19
N ASP D 137 -8.93 16.71 10.53
CA ASP D 137 -8.20 17.78 11.20
C ASP D 137 -8.96 19.10 11.23
N SER D 138 -10.15 19.15 10.64
CA SER D 138 -10.96 20.37 10.68
C SER D 138 -11.39 20.65 12.12
N GLN D 139 -11.69 21.91 12.38
CA GLN D 139 -12.20 22.27 13.70
C GLN D 139 -13.61 21.72 13.87
N GLU D 140 -13.96 21.42 15.13
CA GLU D 140 -15.25 20.83 15.43
C GLU D 140 -16.37 21.67 14.81
N PRO D 141 -17.32 21.05 14.13
CA PRO D 141 -18.34 21.84 13.41
C PRO D 141 -19.38 22.43 14.36
N THR D 142 -19.83 23.62 14.00
CA THR D 142 -21.01 24.22 14.60
C THR D 142 -22.07 24.39 13.52
N LEU D 143 -23.28 24.72 13.93
CA LEU D 143 -24.33 24.97 12.96
C LEU D 143 -23.96 26.12 12.04
N HIS D 144 -23.32 27.16 12.58
CA HIS D 144 -22.91 28.29 11.75
C HIS D 144 -21.79 27.89 10.80
N SER D 145 -20.81 27.12 11.28
CA SER D 145 -19.71 26.72 10.40
C SER D 145 -20.18 25.75 9.33
N ILE D 146 -21.18 24.92 9.63
CA ILE D 146 -21.74 24.02 8.62
C ILE D 146 -22.48 24.82 7.56
N VAL D 147 -23.33 25.76 7.99
CA VAL D 147 -24.07 26.58 7.04
C VAL D 147 -23.11 27.44 6.23
N THR D 148 -22.04 27.94 6.86
CA THR D 148 -21.09 28.78 6.14
C THR D 148 -20.41 28.01 5.01
N SER D 149 -20.00 26.77 5.29
CA SER D 149 -19.25 25.99 4.31
C SER D 149 -20.13 25.26 3.30
N PHE D 150 -21.38 24.93 3.64
CA PHE D 150 -22.19 24.05 2.81
C PHE D 150 -23.57 24.57 2.48
N LEU D 151 -24.00 25.67 3.09
CA LEU D 151 -25.30 26.25 2.78
C LEU D 151 -25.23 27.78 2.93
N PRO D 152 -24.32 28.42 2.20
CA PRO D 152 -24.05 29.86 2.45
C PRO D 152 -25.27 30.76 2.27
N HIS D 153 -26.16 30.43 1.34
CA HIS D 153 -27.30 31.29 1.07
C HIS D 153 -28.29 31.35 2.21
N GLU D 154 -28.19 30.47 3.21
CA GLU D 154 -29.08 30.50 4.36
C GLU D 154 -28.43 31.10 5.60
N LEU D 155 -27.24 31.68 5.46
CA LEU D 155 -26.62 32.40 6.57
C LEU D 155 -27.49 33.53 7.14
N PRO D 156 -28.22 34.32 6.34
CA PRO D 156 -29.09 35.35 6.94
C PRO D 156 -30.10 34.79 7.93
N LEU D 157 -30.47 33.52 7.84
CA LEU D 157 -31.36 32.94 8.83
C LEU D 157 -30.67 32.83 10.19
N LEU D 158 -29.43 32.33 10.20
CA LEU D 158 -28.67 32.22 11.44
C LEU D 158 -28.27 33.57 12.02
N GLU D 159 -28.44 34.66 11.26
CA GLU D 159 -28.09 35.99 11.75
C GLU D 159 -29.02 36.36 12.91
N GLY D 160 -28.47 36.52 14.09
CA GLY D 160 -29.22 36.77 15.31
C GLY D 160 -29.20 35.60 16.27
N MET D 161 -29.12 34.38 15.75
CA MET D 161 -28.98 33.20 16.59
C MET D 161 -27.49 32.98 16.86
N GLU D 162 -27.00 33.58 17.94
CA GLU D 162 -25.60 33.46 18.30
C GLU D 162 -25.26 32.14 18.97
N THR D 163 -26.26 31.36 19.38
CA THR D 163 -26.00 30.03 19.90
C THR D 163 -25.73 29.01 18.81
N SER D 164 -25.92 29.39 17.54
CA SER D 164 -25.50 28.55 16.43
C SER D 164 -23.98 28.52 16.29
N GLN D 165 -23.28 29.51 16.84
CA GLN D 165 -21.83 29.53 16.80
C GLN D 165 -21.20 28.64 17.88
N GLY D 166 -22.00 28.08 18.79
CA GLY D 166 -21.52 27.06 19.70
C GLY D 166 -21.78 25.67 19.16
N ILE D 167 -21.19 24.68 19.83
CA ILE D 167 -21.27 23.30 19.35
C ILE D 167 -22.57 22.60 19.72
N GLN D 168 -23.46 23.27 20.45
CA GLN D 168 -24.73 22.66 20.83
C GLN D 168 -25.80 22.98 19.80
N SER D 169 -26.75 22.06 19.65
CA SER D 169 -27.82 22.22 18.69
C SER D 169 -28.59 23.51 18.96
N LEU D 170 -29.05 24.15 17.88
CA LEU D 170 -29.84 25.36 18.03
C LEU D 170 -31.16 25.08 18.74
N GLY D 171 -31.74 23.91 18.49
CA GLY D 171 -33.00 23.55 19.15
C GLY D 171 -32.80 23.17 20.61
N LEU D 172 -31.71 22.46 20.92
CA LEU D 172 -31.47 22.02 22.28
C LEU D 172 -31.01 23.13 23.21
N ASN D 173 -30.67 24.30 22.67
CA ASN D 173 -30.11 25.39 23.48
C ASN D 173 -31.26 26.26 24.00
N ALA D 174 -31.65 26.03 25.24
CA ALA D 174 -32.71 26.83 25.86
C ALA D 174 -32.24 28.20 26.31
N GLY D 175 -30.93 28.41 26.42
CA GLY D 175 -30.41 29.69 26.87
C GLY D 175 -30.69 30.85 25.94
N SER D 176 -30.98 30.58 24.68
CA SER D 176 -31.24 31.63 23.72
C SER D 176 -32.57 32.32 24.04
N GLU D 177 -32.61 33.64 23.80
CA GLU D 177 -33.86 34.38 23.97
C GLU D 177 -34.91 33.99 22.94
N HIS D 178 -34.50 33.32 21.86
CA HIS D 178 -35.46 32.87 20.86
C HIS D 178 -36.28 31.69 21.38
N SER D 179 -37.46 31.54 20.80
CA SER D 179 -38.34 30.43 21.17
C SER D 179 -37.77 29.11 20.67
N GLY D 180 -38.15 28.02 21.35
CA GLY D 180 -37.76 26.71 20.88
C GLY D 180 -38.42 26.37 19.55
N ARG D 181 -39.65 26.85 19.35
CA ARG D 181 -40.34 26.62 18.08
C ARG D 181 -39.57 27.21 16.91
N TYR D 182 -39.10 28.46 17.06
CA TYR D 182 -38.34 29.08 15.98
C TYR D 182 -36.94 28.47 15.85
N ARG D 183 -36.28 28.20 16.98
CA ARG D 183 -34.92 27.67 16.92
C ARG D 183 -34.89 26.30 16.25
N ALA D 184 -35.80 25.41 16.65
CA ALA D 184 -35.83 24.07 16.06
C ALA D 184 -36.31 24.08 14.61
N SER D 185 -37.23 24.99 14.28
CA SER D 185 -37.69 25.11 12.90
C SER D 185 -36.55 25.54 11.98
N VAL D 186 -35.79 26.55 12.39
CA VAL D 186 -34.65 26.99 11.60
C VAL D 186 -33.62 25.87 11.50
N GLU D 187 -33.38 25.14 12.60
CA GLU D 187 -32.38 24.09 12.57
C GLU D 187 -32.78 22.96 11.60
N SER D 188 -34.07 22.61 11.58
CA SER D 188 -34.51 21.53 10.69
C SER D 188 -34.26 21.89 9.23
N ILE D 189 -34.53 23.14 8.85
CA ILE D 189 -34.32 23.55 7.46
C ILE D 189 -32.82 23.58 7.14
N LEU D 190 -32.01 24.07 8.08
CA LEU D 190 -30.58 24.21 7.81
C LEU D 190 -29.90 22.85 7.71
N ILE D 191 -30.17 21.95 8.65
CA ILE D 191 -29.42 20.69 8.67
C ILE D 191 -29.90 19.75 7.58
N PHE D 192 -31.18 19.83 7.19
CA PHE D 192 -31.65 18.97 6.11
C PHE D 192 -30.95 19.32 4.80
N ASN D 193 -31.01 20.59 4.41
CA ASN D 193 -30.41 21.01 3.15
C ASN D 193 -28.88 20.95 3.20
N SER D 194 -28.29 21.21 4.38
CA SER D 194 -26.85 21.05 4.52
C SER D 194 -26.44 19.60 4.32
N MET D 195 -27.25 18.66 4.83
CA MET D 195 -26.92 17.24 4.72
C MET D 195 -26.94 16.77 3.28
N ASN D 196 -27.84 17.32 2.45
CA ASN D 196 -27.83 17.00 1.03
C ASN D 196 -26.50 17.39 0.39
N GLN D 197 -25.99 18.58 0.72
CA GLN D 197 -24.69 19.00 0.20
C GLN D 197 -23.57 18.13 0.75
N LEU D 198 -23.65 17.76 2.04
CA LEU D 198 -22.63 16.92 2.62
C LEU D 198 -22.64 15.51 2.01
N ASN D 199 -23.84 14.97 1.74
CA ASN D 199 -23.93 13.65 1.13
C ASN D 199 -23.32 13.63 -0.26
N SER D 200 -23.50 14.72 -1.02
CA SER D 200 -22.83 14.83 -2.32
C SER D 200 -21.32 14.72 -2.17
N LEU D 201 -20.76 15.49 -1.24
CA LEU D 201 -19.31 15.46 -1.02
C LEU D 201 -18.84 14.12 -0.49
N LEU D 202 -19.67 13.42 0.29
CA LEU D 202 -19.30 12.10 0.76
C LEU D 202 -19.24 11.10 -0.40
N GLN D 203 -20.14 11.22 -1.36
CA GLN D 203 -20.13 10.32 -2.51
C GLN D 203 -18.92 10.57 -3.40
N LYS D 204 -18.56 11.84 -3.58
CA LYS D 204 -17.41 12.16 -4.43
C LYS D 204 -16.10 11.71 -3.79
N GLU D 205 -16.06 11.60 -2.47
CA GLU D 205 -14.90 11.09 -1.77
C GLU D 205 -15.01 9.60 -1.45
N ASN D 206 -16.10 8.96 -1.87
CA ASN D 206 -16.35 7.54 -1.62
C ASN D 206 -16.34 7.23 -0.13
N LEU D 207 -16.86 8.17 0.66
CA LEU D 207 -16.97 8.00 2.10
C LEU D 207 -18.41 7.79 2.56
N GLN D 208 -19.34 7.58 1.63
CA GLN D 208 -20.74 7.40 2.00
C GLN D 208 -20.95 6.06 2.72
N ASP D 209 -20.30 5.00 2.24
CA ASP D 209 -20.46 3.69 2.88
C ASP D 209 -19.84 3.68 4.26
N VAL D 210 -18.68 4.33 4.43
CA VAL D 210 -18.08 4.45 5.75
C VAL D 210 -19.00 5.24 6.68
N PHE D 211 -19.65 6.27 6.14
CA PHE D 211 -20.55 7.11 6.94
C PHE D 211 -21.71 6.31 7.50
N ARG D 212 -22.32 5.45 6.68
CA ARG D 212 -23.56 4.79 7.04
C ARG D 212 -23.36 3.43 7.69
N LYS D 213 -22.26 2.73 7.37
CA LYS D 213 -22.04 1.39 7.88
C LYS D 213 -21.11 1.34 9.09
N VAL D 214 -20.32 2.38 9.31
CA VAL D 214 -19.32 2.35 10.38
C VAL D 214 -19.48 3.55 11.30
N GLU D 215 -19.41 4.77 10.74
CA GLU D 215 -19.27 5.96 11.58
C GLU D 215 -20.56 6.26 12.33
N MET D 216 -21.69 6.31 11.64
CA MET D 216 -22.94 6.62 12.31
C MET D 216 -23.38 5.49 13.25
N PRO D 217 -23.27 4.21 12.85
CA PRO D 217 -23.50 3.14 13.83
C PRO D 217 -22.56 3.22 15.01
N SER D 218 -21.33 3.71 14.82
CA SER D 218 -20.45 3.97 15.96
C SER D 218 -21.07 5.01 16.89
N GLN D 219 -21.67 6.06 16.32
CA GLN D 219 -22.32 7.07 17.14
C GLN D 219 -23.47 6.48 17.95
N TYR D 220 -24.20 5.53 17.35
CA TYR D 220 -25.30 4.90 18.08
C TYR D 220 -24.80 4.13 19.29
N CYS D 221 -23.77 3.30 19.11
CA CYS D 221 -23.21 2.55 20.22
C CYS D 221 -22.72 3.49 21.32
N LEU D 222 -22.09 4.61 20.93
CA LEU D 222 -21.63 5.57 21.93
C LEU D 222 -22.80 6.22 22.66
N ALA D 223 -23.94 6.39 21.98
CA ALA D 223 -25.13 6.88 22.66
C ALA D 223 -25.56 5.93 23.76
N LEU D 224 -25.44 4.62 23.51
CA LEU D 224 -25.77 3.65 24.54
C LEU D 224 -24.75 3.67 25.68
N LEU D 225 -23.47 3.84 25.36
CA LEU D 225 -22.45 3.97 26.38
C LEU D 225 -22.71 5.17 27.28
N GLU D 226 -23.03 6.31 26.67
CA GLU D 226 -23.33 7.51 27.46
C GLU D 226 -24.60 7.33 28.28
N LEU D 227 -25.53 6.50 27.81
CA LEU D 227 -26.72 6.18 28.60
C LEU D 227 -26.39 5.22 29.73
N ASN D 228 -25.49 4.26 29.47
CA ASN D 228 -25.14 3.27 30.48
C ASN D 228 -24.36 3.91 31.63
N GLY D 229 -23.31 4.66 31.30
CA GLY D 229 -22.40 5.14 32.32
C GLY D 229 -21.52 4.02 32.83
N ILE D 230 -20.54 4.33 33.65
CA ILE D 230 -19.59 3.35 34.16
C ILE D 230 -19.72 3.30 35.68
N GLY D 231 -19.86 2.08 36.22
CA GLY D 231 -20.07 1.94 37.65
C GLY D 231 -18.86 2.42 38.44
N PHE D 232 -19.13 3.11 39.55
CA PHE D 232 -18.09 3.74 40.34
C PHE D 232 -18.33 3.49 41.82
N SER D 233 -17.33 2.96 42.50
CA SER D 233 -17.36 2.73 43.95
C SER D 233 -16.62 3.87 44.62
N THR D 234 -17.38 4.79 45.23
CA THR D 234 -16.76 5.95 45.86
C THR D 234 -15.96 5.57 47.10
N ALA D 235 -16.36 4.49 47.79
CA ALA D 235 -15.62 4.05 48.96
C ALA D 235 -14.23 3.57 48.58
N GLU D 236 -14.10 2.88 47.45
CA GLU D 236 -12.79 2.41 47.01
C GLU D 236 -11.89 3.57 46.62
N CYS D 237 -12.43 4.56 45.91
CA CYS D 237 -11.64 5.70 45.48
C CYS D 237 -11.15 6.50 46.69
N GLU D 238 -12.03 6.73 47.67
CA GLU D 238 -11.63 7.47 48.86
C GLU D 238 -10.58 6.73 49.66
N SER D 239 -10.63 5.39 49.66
CA SER D 239 -9.64 4.60 50.39
C SER D 239 -8.26 4.75 49.77
N GLN D 240 -8.17 4.69 48.44
CA GLN D 240 -6.89 4.93 47.78
C GLN D 240 -6.42 6.35 47.97
N LYS D 241 -7.36 7.31 48.03
CA LYS D 241 -6.99 8.71 48.25
C LYS D 241 -6.32 8.91 49.61
N HIS D 242 -6.79 8.19 50.63
CA HIS D 242 -6.22 8.34 51.97
C HIS D 242 -4.85 7.68 52.07
N ILE D 243 -4.68 6.54 51.39
CA ILE D 243 -3.35 5.94 51.27
C ILE D 243 -2.41 6.89 50.55
N MET D 244 -2.87 7.45 49.43
CA MET D 244 -2.02 8.34 48.64
C MET D 244 -1.69 9.61 49.41
N GLN D 245 -2.67 10.19 50.12
CA GLN D 245 -2.39 11.42 50.86
C GLN D 245 -1.48 11.16 52.05
N ALA D 246 -1.58 9.99 52.68
CA ALA D 246 -0.64 9.64 53.73
C ALA D 246 0.77 9.46 53.17
N LYS D 247 0.88 8.96 51.94
CA LYS D 247 2.19 8.83 51.31
C LYS D 247 2.75 10.19 50.94
N LEU D 248 1.89 11.10 50.46
CA LEU D 248 2.35 12.45 50.13
C LEU D 248 2.92 13.16 51.36
N ASP D 249 2.29 12.97 52.52
CA ASP D 249 2.80 13.58 53.73
C ASP D 249 4.18 13.04 54.08
N ALA D 250 4.37 11.72 53.96
CA ALA D 250 5.66 11.13 54.28
C ALA D 250 6.74 11.52 53.27
N ILE D 251 6.35 11.69 52.00
CA ILE D 251 7.31 12.09 50.98
C ILE D 251 7.87 13.48 51.28
N GLU D 252 6.98 14.44 51.56
CA GLU D 252 7.41 15.80 51.81
C GLU D 252 8.32 15.89 53.03
N THR D 253 7.92 15.22 54.12
CA THR D 253 8.73 15.23 55.34
C THR D 253 10.14 14.72 55.07
N GLN D 254 10.25 13.56 54.41
CA GLN D 254 11.56 12.99 54.11
C GLN D 254 12.33 13.84 53.10
N ALA D 255 11.62 14.42 52.13
CA ALA D 255 12.30 15.24 51.13
C ALA D 255 12.90 16.50 51.76
N TYR D 256 12.17 17.12 52.68
CA TYR D 256 12.65 18.33 53.34
C TYR D 256 13.80 18.06 54.30
N GLN D 257 14.06 16.81 54.65
CA GLN D 257 15.26 16.44 55.38
C GLN D 257 16.41 16.10 54.44
N LEU D 258 16.11 15.56 53.26
CA LEU D 258 17.15 15.33 52.26
C LEU D 258 17.77 16.65 51.81
N ALA D 259 16.93 17.68 51.64
CA ALA D 259 17.42 19.01 51.30
C ALA D 259 17.88 19.80 52.51
N GLY D 260 17.38 19.46 53.70
CA GLY D 260 17.67 20.25 54.86
C GLY D 260 16.89 21.55 54.96
N HIS D 261 15.85 21.72 54.15
CA HIS D 261 14.99 22.89 54.23
C HIS D 261 13.71 22.59 53.48
N SER D 262 12.83 23.60 53.40
CA SER D 262 11.53 23.45 52.75
C SER D 262 11.59 24.06 51.35
N PHE D 263 11.34 23.23 50.36
CA PHE D 263 11.22 23.65 48.97
C PHE D 263 9.80 23.40 48.48
N SER D 264 9.48 23.97 47.32
CA SER D 264 8.16 23.82 46.71
C SER D 264 8.24 22.73 45.65
N PHE D 265 7.45 21.67 45.83
CA PHE D 265 7.42 20.60 44.82
C PHE D 265 6.88 21.10 43.49
N THR D 266 6.07 22.16 43.51
CA THR D 266 5.52 22.75 42.30
C THR D 266 6.45 23.78 41.66
N SER D 267 7.57 24.10 42.29
CA SER D 267 8.53 25.08 41.77
C SER D 267 9.69 24.35 41.12
N SER D 268 9.88 24.58 39.82
CA SER D 268 11.00 23.95 39.11
C SER D 268 12.34 24.50 39.56
N ASP D 269 12.37 25.77 39.99
CA ASP D 269 13.64 26.37 40.40
C ASP D 269 14.07 25.90 41.78
N ASP D 270 13.13 25.75 42.72
CA ASP D 270 13.45 25.22 44.04
C ASP D 270 14.02 23.81 43.94
N ILE D 271 13.37 22.96 43.14
CA ILE D 271 13.86 21.60 42.94
C ILE D 271 15.23 21.62 42.28
N ALA D 272 15.42 22.53 41.31
CA ALA D 272 16.68 22.54 40.56
C ALA D 272 17.84 23.04 41.42
N GLU D 273 17.58 23.97 42.35
CA GLU D 273 18.67 24.47 43.19
C GLU D 273 19.05 23.47 44.27
N VAL D 274 18.10 22.64 44.72
CA VAL D 274 18.41 21.65 45.73
C VAL D 274 19.26 20.53 45.14
N LEU D 275 18.94 20.11 43.92
CA LEU D 275 19.64 18.96 43.33
C LEU D 275 21.00 19.34 42.77
N PHE D 276 21.10 20.49 42.10
CA PHE D 276 22.29 20.82 41.33
C PHE D 276 23.20 21.82 42.02
N LEU D 277 22.69 22.62 42.94
CA LEU D 277 23.50 23.64 43.61
C LEU D 277 23.88 23.24 45.04
N GLU D 278 22.98 22.57 45.76
CA GLU D 278 23.22 22.16 47.13
C GLU D 278 23.68 20.71 47.22
N LEU D 279 22.86 19.79 46.73
CA LEU D 279 23.30 18.40 46.59
C LEU D 279 24.36 18.25 45.51
N LYS D 280 24.44 19.21 44.58
CA LYS D 280 25.48 19.24 43.54
C LYS D 280 25.49 17.94 42.73
N LEU D 281 24.30 17.39 42.50
CA LEU D 281 24.16 16.21 41.67
C LEU D 281 24.49 16.56 40.23
N PRO D 282 24.86 15.57 39.42
CA PRO D 282 25.23 15.84 38.02
C PRO D 282 24.12 16.55 37.28
N PRO D 283 24.44 17.70 36.64
CA PRO D 283 23.47 18.53 35.91
C PRO D 283 22.76 17.77 34.80
N GLY D 288 19.43 22.46 28.01
CA GLY D 288 19.42 23.12 29.29
C GLY D 288 20.39 22.53 30.30
N GLN D 289 20.93 23.39 31.17
CA GLN D 289 21.88 22.93 32.18
C GLN D 289 21.18 22.19 33.31
N PHE D 290 20.15 22.81 33.89
CA PHE D 290 19.56 22.37 35.14
C PHE D 290 18.06 22.18 34.98
N SER D 291 17.69 21.12 34.26
CA SER D 291 16.29 20.80 34.02
C SER D 291 15.76 19.85 35.08
N THR D 292 14.48 19.99 35.41
CA THR D 292 13.79 19.09 36.31
C THR D 292 12.90 18.10 35.55
N SER D 293 13.28 17.75 34.33
CA SER D 293 12.49 16.86 33.50
C SER D 293 12.30 15.51 34.17
N LYS D 294 11.24 14.80 33.78
CA LYS D 294 11.06 13.43 34.20
C LYS D 294 12.21 12.55 33.74
N ASP D 295 12.81 12.88 32.59
CA ASP D 295 13.98 12.13 32.12
C ASP D 295 15.22 12.47 32.94
N VAL D 296 15.35 13.73 33.38
CA VAL D 296 16.46 14.11 34.23
C VAL D 296 16.37 13.41 35.57
N LEU D 297 15.16 13.31 36.13
CA LEU D 297 15.00 12.73 37.45
C LEU D 297 15.00 11.21 37.42
N ASN D 298 14.52 10.59 36.34
CA ASN D 298 14.68 9.15 36.18
C ASN D 298 16.13 8.75 36.02
N LYS D 299 17.00 9.69 35.67
CA LYS D 299 18.44 9.48 35.61
C LYS D 299 19.10 9.68 36.97
N LEU D 300 18.73 10.75 37.68
CA LEU D 300 19.36 11.09 38.95
C LEU D 300 18.80 10.31 40.12
N LYS D 301 17.70 9.58 39.96
CA LYS D 301 17.17 8.78 41.05
C LYS D 301 18.08 7.61 41.39
N ALA D 302 18.99 7.24 40.49
CA ALA D 302 19.99 6.23 40.79
C ALA D 302 21.11 6.75 41.67
N LEU D 303 21.33 8.06 41.69
CA LEU D 303 22.43 8.67 42.43
C LEU D 303 22.00 9.21 43.79
N HIS D 304 20.76 9.66 43.93
CA HIS D 304 20.29 10.32 45.13
C HIS D 304 18.83 9.96 45.35
N PRO D 305 18.37 9.88 46.60
CA PRO D 305 16.97 9.51 46.83
C PRO D 305 15.97 10.56 46.40
N LEU D 306 16.29 11.84 46.57
CA LEU D 306 15.32 12.91 46.35
C LEU D 306 14.76 12.98 44.94
N PRO D 307 15.53 12.79 43.85
CA PRO D 307 14.92 12.79 42.51
C PRO D 307 13.76 11.82 42.37
N GLY D 308 13.87 10.62 42.93
CA GLY D 308 12.78 9.67 42.86
C GLY D 308 11.61 10.01 43.76
N LEU D 309 11.88 10.71 44.87
CA LEU D 309 10.81 11.18 45.74
C LEU D 309 9.99 12.26 45.05
N ILE D 310 10.66 13.14 44.30
CA ILE D 310 9.95 14.17 43.56
C ILE D 310 9.09 13.55 42.46
N LEU D 311 9.60 12.52 41.80
CA LEU D 311 8.84 11.86 40.75
C LEU D 311 7.60 11.18 41.32
N GLU D 312 7.72 10.57 42.50
CA GLU D 312 6.55 9.93 43.11
C GLU D 312 5.59 10.98 43.66
N TRP D 313 6.11 12.11 44.14
CA TRP D 313 5.24 13.20 44.55
C TRP D 313 4.39 13.69 43.39
N ARG D 314 5.00 13.86 42.22
CA ARG D 314 4.26 14.31 41.04
C ARG D 314 3.22 13.28 40.62
N ARG D 315 3.57 11.99 40.69
CA ARG D 315 2.66 10.94 40.25
C ARG D 315 1.44 10.87 41.14
N ILE D 316 1.65 10.88 42.46
CA ILE D 316 0.53 10.79 43.40
C ILE D 316 -0.31 12.06 43.37
N THR D 317 0.35 13.22 43.29
CA THR D 317 -0.38 14.48 43.17
C THR D 317 -1.25 14.50 41.92
N ASN D 318 -0.75 13.91 40.82
CA ASN D 318 -1.56 13.79 39.63
C ASN D 318 -2.79 12.93 39.88
N ALA D 319 -2.61 11.75 40.49
CA ALA D 319 -3.72 10.85 40.75
C ALA D 319 -4.78 11.50 41.63
N ILE D 320 -4.36 12.30 42.60
CA ILE D 320 -5.34 12.92 43.51
C ILE D 320 -6.07 14.07 42.81
N THR D 321 -5.33 15.01 42.25
CA THR D 321 -5.95 16.22 41.72
C THR D 321 -6.56 16.01 40.33
N LYS D 322 -5.98 15.14 39.51
CA LYS D 322 -6.48 14.95 38.15
C LYS D 322 -7.36 13.70 37.99
N VAL D 323 -7.43 12.83 39.00
CA VAL D 323 -8.21 11.62 38.88
C VAL D 323 -9.21 11.48 40.02
N VAL D 324 -8.73 11.51 41.26
CA VAL D 324 -9.61 11.35 42.41
C VAL D 324 -10.69 12.43 42.42
N PHE D 325 -10.25 13.69 42.47
CA PHE D 325 -11.19 14.81 42.57
C PHE D 325 -12.17 14.89 41.40
N PRO D 326 -11.73 14.78 40.13
CA PRO D 326 -12.73 14.81 39.05
C PRO D 326 -13.72 13.66 39.09
N LEU D 327 -13.26 12.45 39.43
CA LEU D 327 -14.15 11.30 39.52
C LEU D 327 -15.22 11.52 40.58
N GLN D 328 -14.80 11.94 41.78
CA GLN D 328 -15.76 12.23 42.85
C GLN D 328 -16.68 13.37 42.46
N ARG D 329 -16.19 14.33 41.68
CA ARG D 329 -17.03 15.43 41.22
C ARG D 329 -18.12 14.96 40.27
N GLU D 330 -17.85 13.91 39.50
CA GLU D 330 -18.76 13.46 38.45
C GLU D 330 -19.63 12.27 38.86
N LYS D 331 -19.42 11.69 40.04
CA LYS D 331 -20.18 10.50 40.41
C LYS D 331 -21.65 10.88 40.60
N CYS D 332 -22.52 10.04 40.06
CA CYS D 332 -23.95 10.32 39.99
C CYS D 332 -24.73 9.11 40.46
N LEU D 333 -25.79 9.37 41.23
CA LEU D 333 -26.61 8.28 41.78
C LEU D 333 -27.55 7.75 40.70
N ASN D 334 -27.47 6.44 40.45
CA ASN D 334 -28.44 5.76 39.62
C ASN D 334 -29.35 4.94 40.53
N PRO D 335 -30.55 5.41 40.86
CA PRO D 335 -31.37 4.70 41.86
C PRO D 335 -31.84 3.33 41.38
N PHE D 336 -32.02 3.15 40.07
CA PHE D 336 -32.58 1.89 39.57
C PHE D 336 -31.61 0.74 39.77
N LEU D 337 -30.32 0.96 39.52
CA LEU D 337 -29.32 -0.06 39.78
C LEU D 337 -28.86 -0.07 41.24
N GLY D 338 -29.23 0.94 42.02
CA GLY D 338 -28.78 1.01 43.40
C GLY D 338 -27.29 1.23 43.54
N MET D 339 -26.70 2.05 42.68
CA MET D 339 -25.27 2.27 42.70
C MET D 339 -24.98 3.67 42.17
N GLU D 340 -23.72 4.08 42.30
CA GLU D 340 -23.24 5.31 41.71
C GLU D 340 -22.52 4.99 40.40
N ARG D 341 -22.70 5.87 39.41
CA ARG D 341 -22.07 5.68 38.11
C ARG D 341 -21.51 7.01 37.63
N ILE D 342 -20.54 6.91 36.73
CA ILE D 342 -19.95 8.06 36.06
C ILE D 342 -20.44 8.06 34.62
N TYR D 343 -20.86 9.24 34.13
CA TYR D 343 -21.40 9.36 32.79
C TYR D 343 -20.52 10.29 31.96
N PRO D 344 -19.57 9.75 31.20
CA PRO D 344 -18.70 10.57 30.37
C PRO D 344 -19.30 10.87 29.01
N VAL D 345 -18.72 11.88 28.35
CA VAL D 345 -19.15 12.33 27.04
C VAL D 345 -18.19 11.79 26.00
N SER D 346 -18.72 11.08 25.01
CA SER D 346 -17.88 10.53 23.95
C SER D 346 -17.46 11.64 22.98
N GLN D 347 -16.26 11.49 22.43
CA GLN D 347 -15.72 12.43 21.47
C GLN D 347 -15.10 11.65 20.32
N SER D 348 -15.63 11.84 19.12
CA SER D 348 -15.16 11.12 17.94
C SER D 348 -14.56 12.05 16.88
N HIS D 349 -14.51 13.35 17.12
CA HIS D 349 -13.89 14.28 16.17
C HIS D 349 -12.39 14.36 16.46
N THR D 350 -11.72 13.25 16.15
CA THR D 350 -10.30 13.11 16.39
C THR D 350 -9.55 13.01 15.07
N ALA D 351 -8.23 13.19 15.15
CA ALA D 351 -7.42 13.31 13.95
C ALA D 351 -7.31 12.00 13.18
N THR D 352 -7.36 10.86 13.88
CA THR D 352 -7.15 9.56 13.24
C THR D 352 -8.36 8.63 13.37
N GLY D 353 -9.47 9.10 13.92
CA GLY D 353 -10.64 8.26 14.09
C GLY D 353 -10.72 7.55 15.41
N ARG D 354 -9.79 7.82 16.34
CA ARG D 354 -9.91 7.29 17.68
C ARG D 354 -11.15 7.87 18.36
N ILE D 355 -11.57 7.21 19.44
CA ILE D 355 -12.67 7.68 20.28
C ILE D 355 -12.10 7.98 21.66
N THR D 356 -12.36 9.18 22.16
CA THR D 356 -11.94 9.58 23.49
C THR D 356 -13.16 10.10 24.25
N PHE D 357 -12.94 10.47 25.51
CA PHE D 357 -14.03 10.86 26.39
C PHE D 357 -13.65 12.11 27.17
N THR D 358 -14.68 12.81 27.66
CA THR D 358 -14.49 14.01 28.46
C THR D 358 -15.47 14.01 29.62
N GLU D 359 -15.13 14.78 30.65
CA GLU D 359 -16.00 15.06 31.78
C GLU D 359 -16.58 13.81 32.44
N PRO D 360 -15.73 12.94 33.01
CA PRO D 360 -14.27 12.96 33.03
C PRO D 360 -13.71 12.04 31.96
N ASN D 361 -12.42 12.12 31.63
CA ASN D 361 -11.83 11.21 30.67
C ASN D 361 -11.37 9.96 31.42
N ILE D 362 -12.25 8.95 31.45
CA ILE D 362 -11.95 7.71 32.13
C ILE D 362 -10.77 6.99 31.48
N GLN D 363 -10.46 7.31 30.22
CA GLN D 363 -9.31 6.70 29.58
C GLN D 363 -7.99 7.06 30.26
N ASN D 364 -7.97 8.14 31.04
CA ASN D 364 -6.75 8.59 31.72
C ASN D 364 -6.59 8.02 33.13
N VAL D 365 -7.43 7.06 33.52
CA VAL D 365 -7.31 6.51 34.87
C VAL D 365 -5.94 5.83 35.00
N PRO D 366 -5.15 6.17 36.01
CA PRO D 366 -3.77 5.68 36.08
C PRO D 366 -3.71 4.16 36.17
N ARG D 367 -2.65 3.61 35.57
CA ARG D 367 -2.37 2.18 35.70
C ARG D 367 -2.05 1.85 37.15
N ASP D 368 -2.11 0.56 37.47
CA ASP D 368 -1.77 0.12 38.81
C ASP D 368 -0.34 0.54 39.13
N PHE D 369 -0.14 1.05 40.34
CA PHE D 369 1.19 1.34 40.84
C PHE D 369 1.20 1.10 42.35
N GLU D 370 2.40 1.09 42.91
CA GLU D 370 2.63 0.61 44.26
C GLU D 370 3.22 1.70 45.13
N ILE D 371 2.81 1.74 46.39
CA ILE D 371 3.35 2.67 47.39
C ILE D 371 3.95 1.86 48.52
N LYS D 372 5.20 2.19 48.89
CA LYS D 372 5.82 1.63 50.08
C LYS D 372 5.62 2.60 51.24
N MET D 373 4.95 2.15 52.29
CA MET D 373 4.70 2.94 53.48
C MET D 373 5.52 2.40 54.65
N GLY D 374 5.91 3.30 55.55
CA GLY D 374 6.58 2.91 56.76
C GLY D 374 8.04 2.54 56.57
N GLY D 375 8.61 2.00 57.64
CA GLY D 375 9.99 1.57 57.67
C GLY D 375 10.14 0.08 57.42
N SER D 376 11.28 -0.45 57.87
CA SER D 376 11.62 -1.86 57.68
C SER D 376 11.51 -2.26 56.21
N GLY D 377 11.97 -1.36 55.33
CA GLY D 377 11.85 -1.57 53.91
C GLY D 377 10.51 -1.19 53.32
N GLY D 378 9.54 -0.83 54.14
CA GLY D 378 8.25 -0.40 53.63
C GLY D 378 7.33 -1.53 53.26
N MET D 379 6.05 -1.41 53.60
CA MET D 379 5.05 -2.38 53.21
C MET D 379 4.44 -1.98 51.87
N PRO D 380 4.37 -2.89 50.90
CA PRO D 380 3.76 -2.52 49.61
C PRO D 380 2.27 -2.37 49.71
N PHE D 381 1.75 -1.31 49.09
CA PHE D 381 0.32 -1.07 48.98
C PHE D 381 -0.02 -0.83 47.52
N SER D 382 -1.00 -1.59 47.02
CA SER D 382 -1.39 -1.51 45.61
C SER D 382 -2.46 -0.44 45.44
N ILE D 383 -2.18 0.53 44.58
CA ILE D 383 -3.13 1.57 44.23
C ILE D 383 -3.62 1.26 42.82
N SER D 384 -4.76 0.61 42.73
CA SER D 384 -5.41 0.28 41.45
C SER D 384 -6.65 1.16 41.34
N MET D 385 -6.48 2.34 40.73
CA MET D 385 -7.59 3.26 40.60
C MET D 385 -8.69 2.70 39.71
N ARG D 386 -8.37 1.77 38.82
CA ARG D 386 -9.40 1.11 38.02
C ARG D 386 -10.23 0.15 38.86
N HIS D 387 -9.75 -0.25 40.03
CA HIS D 387 -10.53 -1.08 40.93
C HIS D 387 -11.77 -0.36 41.46
N ALA D 388 -11.78 0.97 41.41
CA ALA D 388 -12.94 1.75 41.81
C ALA D 388 -14.07 1.66 40.81
N PHE D 389 -13.83 1.07 39.63
CA PHE D 389 -14.84 0.96 38.58
C PHE D 389 -15.41 -0.45 38.58
N VAL D 390 -16.66 -0.58 39.02
CA VAL D 390 -17.27 -1.87 39.33
C VAL D 390 -18.54 -2.00 38.51
N PRO D 391 -19.06 -3.22 38.35
CA PRO D 391 -20.35 -3.39 37.67
C PRO D 391 -21.52 -3.29 38.64
N PHE D 392 -22.75 -3.45 38.14
CA PHE D 392 -23.91 -3.50 39.01
C PHE D 392 -23.85 -4.75 39.88
N PRO D 393 -24.53 -4.72 41.04
CA PRO D 393 -24.52 -5.90 41.93
C PRO D 393 -24.87 -7.19 41.22
N GLY D 394 -23.98 -8.17 41.29
CA GLY D 394 -24.16 -9.44 40.62
C GLY D 394 -23.66 -9.48 39.19
N GLY D 395 -23.05 -8.39 38.70
CA GLY D 395 -22.52 -8.34 37.36
C GLY D 395 -21.01 -8.51 37.32
N SER D 396 -20.47 -8.49 36.11
CA SER D 396 -19.04 -8.66 35.90
C SER D 396 -18.56 -7.64 34.87
N ILE D 397 -17.29 -7.27 34.97
CA ILE D 397 -16.64 -6.42 33.99
C ILE D 397 -15.90 -7.31 33.01
N LEU D 398 -16.10 -7.07 31.72
CA LEU D 398 -15.47 -7.84 30.66
C LEU D 398 -14.50 -6.93 29.89
N ALA D 399 -13.27 -7.40 29.69
CA ALA D 399 -12.24 -6.64 29.00
C ALA D 399 -11.74 -7.47 27.83
N ALA D 400 -12.06 -7.05 26.62
CA ALA D 400 -11.60 -7.71 25.40
C ALA D 400 -10.57 -6.82 24.73
N ASP D 401 -9.36 -7.34 24.59
CA ASP D 401 -8.19 -6.55 24.18
C ASP D 401 -7.60 -7.16 22.91
N TYR D 402 -7.48 -6.34 21.85
CA TYR D 402 -6.72 -6.74 20.68
C TYR D 402 -5.24 -6.81 21.04
N SER D 403 -4.62 -7.96 20.80
CA SER D 403 -3.21 -8.13 21.11
C SER D 403 -2.37 -7.49 20.00
N GLN D 404 -1.69 -6.39 20.34
CA GLN D 404 -0.76 -5.72 19.43
C GLN D 404 -1.44 -5.36 18.11
N LEU D 405 -2.55 -4.62 18.21
CA LEU D 405 -3.36 -4.35 17.03
C LEU D 405 -2.59 -3.54 16.01
N GLU D 406 -1.93 -2.46 16.44
CA GLU D 406 -1.18 -1.63 15.50
C GLU D 406 0.04 -2.37 14.96
N LEU D 407 0.61 -3.29 15.73
CA LEU D 407 1.75 -4.06 15.23
C LEU D 407 1.33 -5.10 14.21
N ARG D 408 0.13 -5.68 14.37
CA ARG D 408 -0.40 -6.60 13.37
C ARG D 408 -0.81 -5.85 12.11
N ILE D 409 -1.38 -4.66 12.27
CA ILE D 409 -1.74 -3.85 11.11
C ILE D 409 -0.50 -3.44 10.33
N LEU D 410 0.56 -3.03 11.04
CA LEU D 410 1.82 -2.73 10.38
C LEU D 410 2.36 -3.95 9.65
N ALA D 411 2.16 -5.15 10.22
CA ALA D 411 2.62 -6.37 9.58
C ALA D 411 1.78 -6.74 8.36
N HIS D 412 0.47 -6.48 8.41
CA HIS D 412 -0.39 -6.72 7.26
C HIS D 412 -0.18 -5.70 6.15
N LEU D 413 0.29 -4.50 6.49
CA LEU D 413 0.51 -3.46 5.49
C LEU D 413 1.94 -3.45 4.94
N SER D 414 2.91 -3.94 5.71
CA SER D 414 4.30 -3.94 5.28
C SER D 414 4.80 -5.31 4.85
N HIS D 415 4.12 -6.39 5.24
CA HIS D 415 4.51 -7.76 4.93
C HIS D 415 5.91 -8.09 5.44
N ASP D 416 6.40 -7.36 6.45
CA ASP D 416 7.69 -7.63 7.04
C ASP D 416 7.65 -8.98 7.75
N ARG D 417 8.42 -9.96 7.26
CA ARG D 417 8.35 -11.31 7.77
C ARG D 417 9.06 -11.48 9.11
N ARG D 418 10.03 -10.62 9.43
CA ARG D 418 10.61 -10.64 10.77
C ARG D 418 9.59 -10.17 11.80
N LEU D 419 8.87 -9.09 11.49
CA LEU D 419 7.80 -8.62 12.37
C LEU D 419 6.68 -9.64 12.46
N ILE D 420 6.32 -10.25 11.32
CA ILE D 420 5.28 -11.28 11.33
C ILE D 420 5.72 -12.47 12.18
N GLN D 421 7.00 -12.82 12.12
CA GLN D 421 7.50 -13.95 12.90
C GLN D 421 7.58 -13.59 14.38
N VAL D 422 7.94 -12.34 14.70
CA VAL D 422 8.00 -11.91 16.09
C VAL D 422 6.62 -11.98 16.74
N LEU D 423 5.58 -11.60 15.99
CA LEU D 423 4.22 -11.67 16.52
C LEU D 423 3.76 -13.12 16.66
N ASN D 424 4.15 -13.98 15.73
CA ASN D 424 3.68 -15.37 15.77
C ASN D 424 4.36 -16.17 16.86
N THR D 425 5.57 -15.79 17.26
CA THR D 425 6.29 -16.54 18.28
C THR D 425 5.63 -16.37 19.64
N GLY D 426 5.41 -15.14 20.08
CA GLY D 426 4.80 -14.85 21.36
C GLY D 426 5.70 -14.13 22.34
N ALA D 427 6.99 -13.99 22.06
CA ALA D 427 7.88 -13.25 22.94
C ALA D 427 7.44 -11.79 23.02
N ASP D 428 7.39 -11.26 24.24
CA ASP D 428 7.00 -9.87 24.43
C ASP D 428 8.08 -8.97 23.86
N VAL D 429 7.71 -8.16 22.86
CA VAL D 429 8.66 -7.24 22.26
C VAL D 429 9.19 -6.26 23.30
N PHE D 430 8.30 -5.78 24.17
CA PHE D 430 8.69 -4.75 25.12
C PHE D 430 9.62 -5.29 26.19
N ARG D 431 9.43 -6.53 26.62
CA ARG D 431 10.38 -7.16 27.53
C ARG D 431 11.70 -7.47 26.83
N SER D 432 11.66 -7.82 25.55
CA SER D 432 12.90 -8.06 24.82
C SER D 432 13.64 -6.76 24.54
N ILE D 433 12.92 -5.65 24.40
CA ILE D 433 13.56 -4.35 24.25
C ILE D 433 14.25 -3.96 25.55
N ALA D 434 13.60 -4.19 26.69
CA ALA D 434 14.18 -3.86 27.98
C ALA D 434 15.31 -4.83 28.37
N ALA D 435 15.35 -6.02 27.77
CA ALA D 435 16.41 -6.97 28.07
C ALA D 435 17.70 -6.61 27.34
N GLU D 436 17.59 -6.24 26.05
CA GLU D 436 18.75 -5.77 25.31
C GLU D 436 19.20 -4.39 25.81
N TRP D 437 18.26 -3.57 26.26
CA TRP D 437 18.56 -2.23 26.73
C TRP D 437 19.32 -2.28 28.06
N LYS D 438 18.77 -2.97 29.05
CA LYS D 438 19.34 -3.00 30.39
C LYS D 438 20.29 -4.16 30.63
N MET D 439 20.42 -5.09 29.67
CA MET D 439 21.24 -6.29 29.82
C MET D 439 20.74 -7.15 30.99
N ILE D 440 19.42 -7.42 30.98
CA ILE D 440 18.74 -8.17 32.04
C ILE D 440 17.90 -9.26 31.38
N GLU D 441 17.22 -10.06 32.21
CA GLU D 441 16.25 -11.03 31.74
C GLU D 441 14.94 -10.34 31.37
N PRO D 442 14.23 -10.83 30.34
CA PRO D 442 12.90 -10.28 30.06
C PRO D 442 11.90 -10.59 31.15
N GLU D 443 12.10 -11.69 31.89
CA GLU D 443 11.23 -12.03 33.00
C GLU D 443 11.49 -11.15 34.23
N SER D 444 12.62 -10.46 34.25
CA SER D 444 12.95 -9.54 35.33
C SER D 444 12.44 -8.12 35.07
N VAL D 445 11.67 -7.92 34.00
CA VAL D 445 11.19 -6.60 33.61
C VAL D 445 9.88 -6.32 34.30
N GLY D 446 9.83 -5.28 35.12
CA GLY D 446 8.60 -4.84 35.74
C GLY D 446 7.72 -4.09 34.75
N ASP D 447 6.57 -3.66 35.24
CA ASP D 447 5.60 -2.99 34.36
C ASP D 447 6.11 -1.62 33.94
N ASP D 448 6.69 -0.85 34.87
CA ASP D 448 7.19 0.47 34.51
C ASP D 448 8.30 0.39 33.48
N LEU D 449 9.17 -0.62 33.59
CA LEU D 449 10.22 -0.79 32.59
C LEU D 449 9.65 -1.30 31.27
N ARG D 450 8.66 -2.18 31.33
CA ARG D 450 7.98 -2.60 30.11
C ARG D 450 7.25 -1.45 29.46
N GLN D 451 6.71 -0.52 30.27
CA GLN D 451 6.07 0.66 29.72
C GLN D 451 7.08 1.61 29.09
N GLN D 452 8.29 1.70 29.67
CA GLN D 452 9.33 2.53 29.07
C GLN D 452 9.79 1.95 27.74
N ALA D 453 9.86 0.61 27.64
CA ALA D 453 10.27 -0.01 26.39
C ALA D 453 9.16 0.06 25.35
N LYS D 454 7.90 0.05 25.80
CA LYS D 454 6.78 0.24 24.87
C LYS D 454 6.86 1.59 24.19
N GLN D 455 7.13 2.65 24.97
CA GLN D 455 7.32 3.98 24.39
C GLN D 455 8.55 4.02 23.49
N ILE D 456 9.57 3.22 23.80
CA ILE D 456 10.73 3.12 22.92
C ILE D 456 10.37 2.40 21.64
N CYS D 457 9.56 1.35 21.74
CA CYS D 457 9.17 0.57 20.57
C CYS D 457 8.41 1.42 19.56
N TYR D 458 7.27 1.97 19.97
CA TYR D 458 6.45 2.76 19.06
C TYR D 458 7.15 4.05 18.67
N GLY D 459 7.94 4.63 19.57
CA GLY D 459 8.68 5.83 19.23
C GLY D 459 9.63 5.63 18.06
N ILE D 460 10.45 4.57 18.14
CA ILE D 460 11.37 4.26 17.06
C ILE D 460 10.60 3.93 15.79
N ILE D 461 9.52 3.15 15.90
CA ILE D 461 8.75 2.76 14.73
C ILE D 461 8.20 3.98 14.01
N TYR D 462 7.70 4.96 14.77
CA TYR D 462 7.09 6.15 14.18
C TYR D 462 8.06 7.33 14.10
N GLY D 463 9.37 7.06 14.11
CA GLY D 463 10.33 8.05 13.68
C GLY D 463 11.01 8.87 14.75
N MET D 464 11.20 8.31 15.95
CA MET D 464 11.87 9.05 17.01
C MET D 464 13.34 9.28 16.66
N GLY D 465 13.87 10.42 17.09
CA GLY D 465 15.27 10.72 16.88
C GLY D 465 16.17 10.13 17.95
N ALA D 466 17.46 10.11 17.66
CA ALA D 466 18.42 9.51 18.59
C ALA D 466 18.64 10.37 19.82
N LYS D 467 18.51 11.70 19.67
CA LYS D 467 18.66 12.58 20.82
C LYS D 467 17.58 12.32 21.86
N SER D 468 16.32 12.19 21.40
CA SER D 468 15.23 11.88 22.32
C SER D 468 15.27 10.44 22.78
N LEU D 469 15.74 9.53 21.92
CA LEU D 469 15.89 8.15 22.35
C LEU D 469 16.96 8.02 23.43
N GLY D 470 18.06 8.76 23.31
CA GLY D 470 19.10 8.73 24.33
C GLY D 470 18.68 9.39 25.62
N GLU D 471 17.81 10.42 25.53
CA GLU D 471 17.29 11.05 26.74
C GLU D 471 16.34 10.13 27.49
N GLN D 472 15.71 9.18 26.79
CA GLN D 472 14.83 8.23 27.46
C GLN D 472 15.60 7.05 28.03
N MET D 473 16.72 6.68 27.40
CA MET D 473 17.54 5.56 27.85
C MET D 473 18.72 5.99 28.70
N GLY D 474 19.00 7.29 28.81
CA GLY D 474 20.18 7.77 29.49
C GLY D 474 21.48 7.56 28.76
N ILE D 475 21.47 6.84 27.63
CA ILE D 475 22.68 6.55 26.88
C ILE D 475 23.03 7.76 26.01
N LYS D 476 24.13 7.67 25.28
CA LYS D 476 24.56 8.75 24.41
C LYS D 476 23.61 8.88 23.22
N GLU D 477 23.65 10.05 22.57
CA GLU D 477 22.91 10.22 21.33
C GLU D 477 23.46 9.29 20.25
N ASN D 478 24.78 9.01 20.29
CA ASN D 478 25.39 8.12 19.31
C ASN D 478 25.06 6.66 19.59
N ASP D 479 25.03 6.28 20.86
CA ASP D 479 24.62 4.91 21.21
C ASP D 479 23.17 4.67 20.83
N ALA D 480 22.30 5.65 21.11
CA ALA D 480 20.91 5.53 20.69
C ALA D 480 20.78 5.48 19.17
N ALA D 481 21.72 6.10 18.45
CA ALA D 481 21.67 6.06 17.00
C ALA D 481 21.90 4.66 16.46
N CYS D 482 22.71 3.84 17.14
CA CYS D 482 22.95 2.48 16.68
C CYS D 482 21.69 1.62 16.84
N TYR D 483 20.95 1.83 17.93
CA TYR D 483 19.69 1.09 18.12
C TYR D 483 18.71 1.37 16.99
N ILE D 484 18.59 2.63 16.59
CA ILE D 484 17.71 2.99 15.48
C ILE D 484 18.21 2.35 14.18
N ASP D 485 19.52 2.47 13.92
CA ASP D 485 20.09 1.87 12.72
C ASP D 485 19.93 0.36 12.72
N SER D 486 20.03 -0.26 13.91
CA SER D 486 19.82 -1.70 13.99
C SER D 486 18.38 -2.08 13.66
N PHE D 487 17.42 -1.28 14.12
CA PHE D 487 16.02 -1.60 13.84
C PHE D 487 15.71 -1.52 12.35
N LYS D 488 16.27 -0.51 11.67
CA LYS D 488 16.04 -0.38 10.23
C LYS D 488 16.65 -1.56 9.47
N SER D 489 17.79 -2.06 9.93
CA SER D 489 18.43 -3.19 9.27
C SER D 489 17.63 -4.46 9.44
N ARG D 490 17.12 -4.70 10.65
CA ARG D 490 16.38 -5.93 10.92
C ARG D 490 15.02 -5.95 10.22
N TYR D 491 14.36 -4.80 10.11
CA TYR D 491 13.00 -4.72 9.61
C TYR D 491 12.99 -3.90 8.31
N THR D 492 13.42 -4.53 7.22
CA THR D 492 13.42 -3.86 5.93
C THR D 492 12.00 -3.72 5.37
N GLY D 493 11.13 -4.70 5.61
CA GLY D 493 9.75 -4.59 5.16
C GLY D 493 9.03 -3.41 5.79
N ILE D 494 9.27 -3.18 7.08
CA ILE D 494 8.71 -2.00 7.74
C ILE D 494 9.27 -0.73 7.10
N ASN D 495 10.58 -0.71 6.87
CA ASN D 495 11.21 0.48 6.32
C ASN D 495 10.76 0.77 4.91
N GLN D 496 10.53 -0.28 4.10
CA GLN D 496 10.06 -0.06 2.74
C GLN D 496 8.62 0.42 2.71
N PHE D 497 7.80 -0.01 3.69
CA PHE D 497 6.43 0.50 3.77
C PHE D 497 6.40 1.96 4.21
N MET D 498 7.33 2.37 5.07
CA MET D 498 7.40 3.77 5.47
C MET D 498 7.86 4.66 4.33
N THR D 499 8.73 4.15 3.46
CA THR D 499 9.13 4.91 2.28
C THR D 499 8.00 5.02 1.28
N GLU D 500 7.30 3.91 1.03
CA GLU D 500 6.16 3.91 0.13
C GLU D 500 5.04 4.82 0.63
N THR D 501 4.89 4.92 1.96
CA THR D 501 3.82 5.75 2.52
C THR D 501 4.09 7.22 2.30
N VAL D 502 5.33 7.67 2.57
CA VAL D 502 5.66 9.08 2.39
C VAL D 502 5.55 9.47 0.92
N LYS D 503 5.94 8.57 0.01
CA LYS D 503 5.83 8.85 -1.42
C LYS D 503 4.39 9.08 -1.82
N ASN D 504 3.50 8.16 -1.44
CA ASN D 504 2.09 8.29 -1.82
C ASN D 504 1.44 9.50 -1.18
N CYS D 505 1.90 9.90 0.02
CA CYS D 505 1.35 11.08 0.65
C CYS D 505 1.88 12.37 0.02
N LYS D 506 3.11 12.35 -0.48
CA LYS D 506 3.64 13.48 -1.23
C LYS D 506 2.96 13.63 -2.58
N ARG D 507 2.41 12.54 -3.12
CA ARG D 507 1.74 12.53 -4.41
C ARG D 507 0.26 12.89 -4.29
N ASP D 508 -0.46 12.21 -3.39
CA ASP D 508 -1.88 12.47 -3.22
C ASP D 508 -2.17 13.65 -2.29
N GLY D 509 -1.23 14.00 -1.43
CA GLY D 509 -1.48 15.02 -0.42
C GLY D 509 -2.22 14.53 0.79
N PHE D 510 -2.43 13.22 0.91
CA PHE D 510 -3.17 12.65 2.03
C PHE D 510 -2.74 11.21 2.21
N VAL D 511 -3.13 10.64 3.36
CA VAL D 511 -3.00 9.20 3.61
C VAL D 511 -4.40 8.65 3.83
N GLN D 512 -4.50 7.32 3.80
CA GLN D 512 -5.80 6.66 3.83
C GLN D 512 -5.75 5.48 4.79
N THR D 513 -6.84 5.30 5.54
CA THR D 513 -6.94 4.19 6.49
C THR D 513 -7.48 2.96 5.78
N ILE D 514 -7.69 1.89 6.55
CA ILE D 514 -8.11 0.63 5.97
C ILE D 514 -9.55 0.71 5.46
N LEU D 515 -10.38 1.57 6.07
CA LEU D 515 -11.74 1.78 5.61
C LEU D 515 -11.86 2.79 4.48
N GLY D 516 -10.78 3.51 4.17
CA GLY D 516 -10.80 4.49 3.12
C GLY D 516 -10.86 5.93 3.57
N ARG D 517 -10.94 6.19 4.87
CA ARG D 517 -10.92 7.57 5.36
C ARG D 517 -9.59 8.23 5.03
N ARG D 518 -9.63 9.54 4.81
CA ARG D 518 -8.46 10.30 4.41
C ARG D 518 -8.12 11.34 5.46
N ARG D 519 -6.84 11.41 5.84
CA ARG D 519 -6.32 12.52 6.62
C ARG D 519 -5.40 13.33 5.71
N TYR D 520 -5.71 14.61 5.55
CA TYR D 520 -4.99 15.48 4.63
C TYR D 520 -3.78 16.09 5.35
N LEU D 521 -2.61 15.95 4.73
CA LEU D 521 -1.34 16.34 5.34
C LEU D 521 -0.56 17.20 4.36
N PRO D 522 -0.96 18.47 4.19
CA PRO D 522 -0.24 19.35 3.26
C PRO D 522 1.21 19.60 3.64
N GLY D 523 1.59 19.37 4.89
CA GLY D 523 2.96 19.56 5.30
C GLY D 523 3.94 18.58 4.68
N ILE D 524 3.43 17.56 3.98
CA ILE D 524 4.29 16.60 3.30
C ILE D 524 5.16 17.29 2.24
N LYS D 525 4.74 18.46 1.76
CA LYS D 525 5.48 19.22 0.76
C LYS D 525 6.13 20.47 1.32
N ASP D 526 6.13 20.62 2.65
CA ASP D 526 6.65 21.85 3.26
C ASP D 526 8.16 21.95 3.02
N ASN D 527 8.62 23.18 2.77
CA ASN D 527 10.03 23.41 2.52
C ASN D 527 10.86 23.39 3.80
N ASN D 528 10.24 23.59 4.96
CA ASN D 528 10.98 23.53 6.21
C ASN D 528 11.30 22.08 6.55
N PRO D 529 12.52 21.78 6.96
CA PRO D 529 12.88 20.36 7.21
C PRO D 529 12.06 19.72 8.32
N TYR D 530 11.79 20.45 9.41
CA TYR D 530 11.02 19.86 10.50
C TYR D 530 9.59 19.60 10.08
N ARG D 531 8.93 20.60 9.49
CA ARG D 531 7.52 20.49 9.17
C ARG D 531 7.25 19.39 8.14
N LYS D 532 8.23 19.12 7.27
CA LYS D 532 8.08 17.98 6.38
C LYS D 532 8.27 16.67 7.14
N ALA D 533 9.29 16.60 8.01
CA ALA D 533 9.50 15.41 8.82
C ALA D 533 8.31 15.15 9.73
N HIS D 534 7.73 16.22 10.29
CA HIS D 534 6.54 16.07 11.13
C HIS D 534 5.39 15.44 10.36
N ALA D 535 5.10 15.96 9.16
CA ALA D 535 4.01 15.43 8.36
C ALA D 535 4.29 14.00 7.91
N GLU D 536 5.56 13.70 7.59
CA GLU D 536 5.92 12.34 7.21
C GLU D 536 5.66 11.37 8.35
N ARG D 537 5.96 11.78 9.58
CA ARG D 537 5.67 10.93 10.73
C ARG D 537 4.17 10.76 10.94
N GLN D 538 3.41 11.85 10.75
CA GLN D 538 1.94 11.74 10.83
C GLN D 538 1.40 10.81 9.76
N ALA D 539 1.97 10.86 8.56
CA ALA D 539 1.50 10.03 7.46
C ALA D 539 1.61 8.55 7.81
N ILE D 540 2.75 8.14 8.35
CA ILE D 540 2.94 6.73 8.70
C ILE D 540 2.07 6.35 9.89
N ASN D 541 2.00 7.22 10.90
CA ASN D 541 1.27 6.87 12.12
C ASN D 541 -0.24 6.89 11.89
N THR D 542 -0.73 7.81 11.07
CA THR D 542 -2.17 7.89 10.85
C THR D 542 -2.70 6.63 10.17
N ILE D 543 -1.93 6.07 9.23
CA ILE D 543 -2.38 4.87 8.55
C ILE D 543 -2.51 3.71 9.53
N VAL D 544 -1.52 3.54 10.41
CA VAL D 544 -1.53 2.40 11.32
C VAL D 544 -2.54 2.63 12.45
N GLN D 545 -2.39 3.76 13.15
CA GLN D 545 -3.28 4.06 14.27
C GLN D 545 -4.72 4.24 13.80
N GLY D 546 -4.91 4.90 12.66
CA GLY D 546 -6.26 5.11 12.16
C GLY D 546 -6.94 3.84 11.71
N SER D 547 -6.17 2.90 11.14
CA SER D 547 -6.75 1.62 10.77
C SER D 547 -7.12 0.82 12.02
N ALA D 548 -6.32 0.92 13.08
CA ALA D 548 -6.68 0.29 14.35
C ALA D 548 -7.99 0.83 14.88
N ALA D 549 -8.19 2.14 14.81
CA ALA D 549 -9.45 2.73 15.27
C ALA D 549 -10.62 2.23 14.44
N ASP D 550 -10.41 2.03 13.14
CA ASP D 550 -11.47 1.50 12.28
C ASP D 550 -11.86 0.09 12.71
N ILE D 551 -10.87 -0.77 12.98
CA ILE D 551 -11.17 -2.16 13.34
C ILE D 551 -11.95 -2.21 14.65
N VAL D 552 -11.63 -1.32 15.59
CA VAL D 552 -12.33 -1.32 16.86
C VAL D 552 -13.75 -0.78 16.70
N LYS D 553 -13.91 0.24 15.86
CA LYS D 553 -15.25 0.77 15.57
C LYS D 553 -16.12 -0.29 14.92
N ILE D 554 -15.59 -0.99 13.92
CA ILE D 554 -16.34 -2.06 13.26
C ILE D 554 -16.70 -3.15 14.25
N ALA D 555 -15.75 -3.52 15.12
CA ALA D 555 -16.02 -4.56 16.10
C ALA D 555 -17.07 -4.12 17.11
N THR D 556 -17.03 -2.85 17.52
CA THR D 556 -18.04 -2.34 18.44
C THR D 556 -19.44 -2.38 17.82
N VAL D 557 -19.55 -2.06 16.53
CA VAL D 557 -20.84 -2.03 15.86
C VAL D 557 -21.41 -3.45 15.72
N ASN D 558 -20.57 -4.39 15.29
CA ASN D 558 -21.04 -5.75 15.06
C ASN D 558 -21.41 -6.44 16.37
N ILE D 559 -20.65 -6.18 17.43
CA ILE D 559 -20.98 -6.76 18.74
C ILE D 559 -22.36 -6.27 19.18
N GLN D 560 -22.63 -4.97 18.99
CA GLN D 560 -23.91 -4.43 19.43
C GLN D 560 -25.07 -4.99 18.63
N LYS D 561 -24.86 -5.23 17.34
CA LYS D 561 -25.92 -5.82 16.52
C LYS D 561 -26.25 -7.23 16.98
N GLN D 562 -25.23 -8.03 17.29
CA GLN D 562 -25.46 -9.38 17.77
C GLN D 562 -26.09 -9.38 19.15
N LEU D 563 -25.73 -8.42 20.00
CA LEU D 563 -26.31 -8.34 21.33
C LEU D 563 -27.80 -8.05 21.28
N GLU D 564 -28.23 -7.20 20.35
CA GLU D 564 -29.64 -6.88 20.20
C GLU D 564 -30.43 -7.97 19.52
N THR D 565 -29.77 -9.01 19.00
CA THR D 565 -30.49 -10.17 18.51
C THR D 565 -31.19 -10.90 19.65
N PHE D 566 -30.54 -10.96 20.81
CA PHE D 566 -31.10 -11.63 21.99
C PHE D 566 -32.13 -10.72 22.62
N HIS D 567 -33.40 -11.11 22.55
CA HIS D 567 -34.49 -10.28 23.05
C HIS D 567 -34.44 -10.08 24.56
N SER D 568 -33.64 -10.88 25.28
CA SER D 568 -33.50 -10.70 26.73
C SER D 568 -32.78 -9.40 27.08
N THR D 569 -31.99 -8.85 26.16
CA THR D 569 -31.15 -7.70 26.44
C THR D 569 -31.84 -6.42 26.01
N PHE D 570 -31.92 -5.45 26.92
CA PHE D 570 -32.34 -4.11 26.56
C PHE D 570 -31.17 -3.36 25.91
N LYS D 571 -31.51 -2.28 25.20
CA LYS D 571 -30.48 -1.51 24.51
C LYS D 571 -29.48 -0.92 25.51
N SER D 572 -29.97 -0.36 26.60
CA SER D 572 -29.09 0.33 27.55
C SER D 572 -29.78 0.37 28.91
N HIS D 573 -29.05 0.88 29.90
CA HIS D 573 -29.67 1.16 31.19
C HIS D 573 -30.71 2.26 31.06
N GLY D 574 -30.48 3.22 30.17
CA GLY D 574 -31.47 4.27 29.94
C GLY D 574 -32.75 3.77 29.31
N HIS D 575 -32.67 2.65 28.59
CA HIS D 575 -33.85 2.04 28.00
C HIS D 575 -34.64 1.24 29.02
N ARG D 576 -33.97 0.28 29.66
CA ARG D 576 -34.65 -0.64 30.57
C ARG D 576 -35.21 0.09 31.78
N GLU D 577 -34.55 1.17 32.22
CA GLU D 577 -35.09 2.00 33.29
C GLU D 577 -36.24 2.88 32.80
N GLY D 578 -36.60 2.81 31.52
CA GLY D 578 -37.79 3.44 31.02
C GLY D 578 -38.98 2.50 31.07
N MET D 579 -38.70 1.21 30.92
CA MET D 579 -39.74 0.20 31.10
C MET D 579 -40.12 0.08 32.57
N LEU D 580 -39.13 0.07 33.46
CA LEU D 580 -39.36 0.04 34.90
C LEU D 580 -39.86 1.36 35.46
N GLN D 581 -40.01 2.38 34.61
CA GLN D 581 -40.57 3.66 35.03
C GLN D 581 -42.06 3.73 34.69
N SER D 586 -42.89 -3.38 33.15
CA SER D 586 -42.65 -2.94 34.51
C SER D 586 -42.64 -4.12 35.47
N GLY D 587 -42.79 -3.85 36.76
CA GLY D 587 -42.86 -4.90 37.76
C GLY D 587 -41.64 -5.78 37.83
N GLY D 588 -40.46 -5.21 37.61
CA GLY D 588 -39.24 -6.00 37.66
C GLY D 588 -38.79 -6.49 36.30
N CYS D 589 -37.58 -6.11 35.90
CA CYS D 589 -37.00 -6.54 34.63
C CYS D 589 -35.56 -6.94 34.88
N PRO D 590 -35.32 -8.22 35.23
CA PRO D 590 -33.97 -8.66 35.59
C PRO D 590 -32.91 -8.28 34.56
N ILE D 591 -31.81 -7.70 35.04
CA ILE D 591 -30.76 -7.21 34.16
C ILE D 591 -30.13 -8.40 33.43
N ARG D 592 -30.02 -8.28 32.11
CA ARG D 592 -29.51 -9.36 31.28
C ARG D 592 -28.70 -8.76 30.14
N GLY D 593 -27.62 -9.45 29.75
CA GLY D 593 -26.82 -9.03 28.62
C GLY D 593 -25.64 -8.17 29.02
N GLY D 594 -24.93 -7.71 27.98
CA GLY D 594 -23.75 -6.88 28.15
C GLY D 594 -24.03 -5.42 27.80
N PHE D 595 -23.39 -4.53 28.54
CA PHE D 595 -23.57 -3.09 28.37
C PHE D 595 -22.22 -2.45 28.08
N PHE D 596 -22.10 -1.84 26.89
CA PHE D 596 -20.89 -1.16 26.49
C PHE D 596 -20.62 0.03 27.41
N ILE D 597 -19.46 0.04 28.06
CA ILE D 597 -19.19 1.03 29.10
C ILE D 597 -17.95 1.87 28.79
N LEU D 598 -17.00 1.31 28.04
CA LEU D 598 -15.75 2.04 27.79
C LEU D 598 -15.02 1.45 26.59
N GLN D 599 -14.36 2.33 25.83
CA GLN D 599 -13.47 1.94 24.74
C GLN D 599 -12.07 2.50 25.00
N LEU D 600 -11.06 1.68 24.75
CA LEU D 600 -9.69 1.99 25.15
C LEU D 600 -8.72 1.78 23.98
N HIS D 601 -9.11 2.22 22.79
CA HIS D 601 -8.25 2.32 21.62
C HIS D 601 -7.92 0.96 21.00
N ASP D 602 -7.69 -0.06 21.82
CA ASP D 602 -7.61 -1.42 21.30
C ASP D 602 -8.29 -2.40 22.25
N GLU D 603 -9.25 -1.91 23.03
CA GLU D 603 -9.85 -2.69 24.10
C GLU D 603 -11.29 -2.20 24.31
N LEU D 604 -12.22 -3.13 24.50
CA LEU D 604 -13.62 -2.81 24.73
C LEU D 604 -14.03 -3.34 26.09
N LEU D 605 -14.57 -2.47 26.93
CA LEU D 605 -15.08 -2.85 28.24
C LEU D 605 -16.60 -2.99 28.18
N TYR D 606 -17.13 -4.08 28.73
CA TYR D 606 -18.56 -4.31 28.79
C TYR D 606 -18.97 -4.66 30.22
N GLU D 607 -20.21 -4.31 30.55
CA GLU D 607 -20.80 -4.61 31.85
C GLU D 607 -21.86 -5.67 31.62
N VAL D 608 -21.60 -6.90 32.06
CA VAL D 608 -22.39 -8.07 31.71
C VAL D 608 -23.06 -8.64 32.95
N ALA D 609 -24.29 -9.11 32.79
CA ALA D 609 -24.96 -9.84 33.85
C ALA D 609 -24.35 -11.23 34.00
N GLU D 610 -24.48 -11.79 35.21
CA GLU D 610 -23.86 -13.08 35.50
C GLU D 610 -24.38 -14.18 34.57
N GLU D 611 -25.67 -14.13 34.23
CA GLU D 611 -26.26 -15.21 33.43
C GLU D 611 -25.65 -15.27 32.04
N ASP D 612 -25.20 -14.13 31.51
CA ASP D 612 -24.75 -14.04 30.12
C ASP D 612 -23.27 -13.71 30.01
N VAL D 613 -22.49 -13.91 31.08
CA VAL D 613 -21.07 -13.62 31.04
C VAL D 613 -20.38 -14.48 29.99
N VAL D 614 -20.70 -15.78 29.98
CA VAL D 614 -20.05 -16.69 29.03
C VAL D 614 -20.53 -16.40 27.60
N GLN D 615 -21.82 -16.10 27.44
CA GLN D 615 -22.39 -15.88 26.12
C GLN D 615 -21.87 -14.58 25.50
N VAL D 616 -21.85 -13.49 26.28
CA VAL D 616 -21.36 -12.22 25.76
C VAL D 616 -19.87 -12.30 25.44
N ALA D 617 -19.09 -12.96 26.29
CA ALA D 617 -17.65 -13.09 26.03
C ALA D 617 -17.38 -13.87 24.76
N GLN D 618 -18.31 -14.71 24.32
CA GLN D 618 -18.14 -15.43 23.05
C GLN D 618 -18.55 -14.56 21.87
N ILE D 619 -19.63 -13.79 22.02
CA ILE D 619 -20.03 -12.85 20.98
C ILE D 619 -18.97 -11.77 20.80
N VAL D 620 -18.35 -11.34 21.90
CA VAL D 620 -17.36 -10.27 21.83
C VAL D 620 -16.10 -10.75 21.14
N LYS D 621 -15.57 -11.91 21.56
CA LYS D 621 -14.32 -12.40 20.99
C LYS D 621 -14.50 -12.82 19.53
N ASN D 622 -15.67 -13.34 19.17
CA ASN D 622 -15.88 -13.79 17.80
C ASN D 622 -15.95 -12.61 16.84
N GLU D 623 -16.77 -11.60 17.17
CA GLU D 623 -16.93 -10.46 16.29
C GLU D 623 -15.66 -9.63 16.20
N MET D 624 -14.85 -9.60 17.27
CA MET D 624 -13.60 -8.85 17.21
C MET D 624 -12.57 -9.55 16.36
N GLU D 625 -12.54 -10.89 16.40
CA GLU D 625 -11.59 -11.62 15.56
C GLU D 625 -12.02 -11.58 14.09
N SER D 626 -13.30 -11.45 13.81
CA SER D 626 -13.83 -11.44 12.45
C SER D 626 -14.24 -10.04 12.00
N ALA D 627 -13.74 -8.99 12.68
CA ALA D 627 -14.10 -7.63 12.29
C ALA D 627 -13.57 -7.30 10.90
N VAL D 628 -12.29 -7.59 10.65
CA VAL D 628 -11.67 -7.42 9.34
C VAL D 628 -10.83 -8.65 9.03
N LYS D 629 -10.65 -8.91 7.74
CA LYS D 629 -9.83 -10.02 7.27
C LYS D 629 -8.49 -9.46 6.80
N LEU D 630 -7.42 -9.84 7.49
CA LEU D 630 -6.07 -9.37 7.17
C LEU D 630 -5.17 -10.57 6.92
N SER D 631 -4.01 -10.30 6.31
CA SER D 631 -3.02 -11.36 6.11
C SER D 631 -2.54 -11.91 7.44
N VAL D 632 -2.41 -11.05 8.44
CA VAL D 632 -2.13 -11.47 9.81
C VAL D 632 -3.45 -11.67 10.53
N LYS D 633 -3.49 -12.61 11.46
CA LYS D 633 -4.70 -12.90 12.21
C LYS D 633 -4.84 -11.93 13.39
N LEU D 634 -6.09 -11.56 13.69
CA LEU D 634 -6.38 -10.71 14.83
C LEU D 634 -6.58 -11.57 16.07
N LYS D 635 -5.73 -11.38 17.07
CA LYS D 635 -5.81 -12.11 18.32
C LYS D 635 -6.51 -11.26 19.38
N VAL D 636 -7.54 -11.82 20.01
CA VAL D 636 -8.32 -11.14 21.02
C VAL D 636 -8.24 -11.94 22.31
N LYS D 637 -8.03 -11.23 23.43
CA LYS D 637 -8.03 -11.84 24.76
C LYS D 637 -9.18 -11.25 25.57
N VAL D 638 -9.96 -12.14 26.19
CA VAL D 638 -11.10 -11.74 27.00
C VAL D 638 -10.75 -11.94 28.47
N LYS D 639 -10.99 -10.92 29.29
CA LYS D 639 -10.75 -10.97 30.71
C LYS D 639 -12.03 -10.59 31.46
N ILE D 640 -12.21 -11.20 32.63
CA ILE D 640 -13.40 -11.02 33.45
C ILE D 640 -12.97 -10.67 34.86
N GLY D 641 -13.74 -9.80 35.52
CA GLY D 641 -13.45 -9.45 36.90
C GLY D 641 -14.61 -8.74 37.53
N ALA D 642 -14.53 -8.60 38.86
CA ALA D 642 -15.50 -7.85 39.62
C ALA D 642 -15.20 -6.35 39.63
N SER D 643 -14.14 -5.92 38.96
CA SER D 643 -13.81 -4.51 38.80
C SER D 643 -12.86 -4.38 37.63
N TRP D 644 -12.73 -3.16 37.12
CA TRP D 644 -11.82 -2.89 36.02
C TRP D 644 -10.37 -3.15 36.42
N GLY D 645 -10.02 -2.92 37.69
CA GLY D 645 -8.67 -3.15 38.13
C GLY D 645 -8.36 -4.55 38.58
N GLU D 646 -9.34 -5.46 38.61
CA GLU D 646 -9.16 -6.82 39.10
C GLU D 646 -9.74 -7.80 38.07
N LEU D 647 -9.10 -7.85 36.91
CA LEU D 647 -9.55 -8.68 35.80
C LEU D 647 -8.66 -9.91 35.66
N LYS D 648 -9.28 -11.06 35.43
CA LYS D 648 -8.58 -12.32 35.25
C LYS D 648 -8.88 -12.86 33.87
N ASP D 649 -7.93 -13.62 33.33
CA ASP D 649 -8.11 -14.22 32.00
C ASP D 649 -9.29 -15.17 32.00
N PHE D 650 -10.14 -15.04 30.98
CA PHE D 650 -11.34 -15.84 30.83
C PHE D 650 -11.32 -16.46 29.44
N ASP D 651 -11.22 -17.79 29.38
CA ASP D 651 -11.01 -18.48 28.11
C ASP D 651 -12.33 -18.62 27.36
N VAL D 652 -12.29 -18.28 26.08
CA VAL D 652 -13.48 -18.32 25.22
C VAL D 652 -13.22 -19.21 24.00
#